data_5MVS
#
_entry.id   5MVS
#
_cell.length_a   158.211
_cell.length_b   158.211
_cell.length_c   73.826
_cell.angle_alpha   90.00
_cell.angle_beta   90.00
_cell.angle_gamma   120.00
#
_symmetry.space_group_name_H-M   'P 63'
#
loop_
_entity.id
_entity.type
_entity.pdbx_description
1 polymer 'Histone-lysine N-methyltransferase, H3 lysine-79 specific'
2 non-polymer ADENOSINE
3 non-polymer N~6~-(2,6-dichlorophenyl)-N~6~-(pent-2-yn-1-yl)quinoline-4,6-diamine
4 non-polymer 'L(+)-TARTARIC ACID'
5 water water
#
_entity_poly.entity_id   1
_entity_poly.type   'polypeptide(L)'
_entity_poly.pdbx_seq_one_letter_code
;GPGEKLELRLKSPVGAEPAVYPWPLPVYDKHHDAAHEIIETIRWVCEEIPDLKLAMENYVLIDYDTKSFESMQRLCDKYN
RAIDSIHQLWKGTTQPMKLNTRPSTGLLRHILQQVYNHSVTDPEKLNNYEPFSPEVYGETSFDLVAQMIDEIKMTDDDLF
VDLGSGVGQVVLQVAAATNCKHHYGVEKADIPAKYAETMDREFRKWMKWYGKKHAEYTLERGDFLSEEWRERIANTSVIF
VNNFAFGPEVDHQLKERFANMKEGGRIVSSKPFAPLNFRINSRNLSDIGTIMRVVELSPLKGSVSWTGKPVSYYLHTIDR
TILENYFSSLKNPG
;
_entity_poly.pdbx_strand_id   A,B
#
# COMPACT_ATOMS: atom_id res chain seq x y z
N LEU A 6 -12.65 -21.46 25.01
CA LEU A 6 -11.93 -21.56 23.74
C LEU A 6 -11.97 -20.22 22.98
N GLU A 7 -11.32 -19.21 23.56
CA GLU A 7 -11.31 -17.87 22.99
C GLU A 7 -10.13 -17.01 23.49
N LEU A 8 -9.91 -15.87 22.82
CA LEU A 8 -8.88 -14.88 23.15
C LEU A 8 -9.53 -13.53 23.39
N ARG A 9 -9.09 -12.80 24.42
CA ARG A 9 -9.66 -11.50 24.75
C ARG A 9 -8.62 -10.40 24.82
N LEU A 10 -8.96 -9.22 24.26
CA LEU A 10 -8.11 -8.02 24.29
C LEU A 10 -8.90 -6.93 25.00
N LYS A 11 -8.33 -6.42 26.09
CA LYS A 11 -8.96 -5.33 26.82
C LYS A 11 -8.82 -4.04 26.06
N SER A 12 -9.85 -3.22 26.16
CA SER A 12 -9.89 -1.94 25.50
C SER A 12 -8.97 -0.94 26.23
N PRO A 13 -8.15 -0.12 25.51
CA PRO A 13 -7.35 0.89 26.21
C PRO A 13 -8.16 1.98 26.93
N VAL A 14 -9.47 2.12 26.61
CA VAL A 14 -10.35 3.13 27.23
C VAL A 14 -11.43 2.49 28.13
N GLY A 15 -11.34 1.20 28.40
CA GLY A 15 -12.27 0.49 29.26
C GLY A 15 -13.60 0.10 28.65
N ALA A 16 -13.69 0.08 27.31
CA ALA A 16 -14.89 -0.39 26.61
C ALA A 16 -14.95 -1.93 26.79
N GLU A 17 -15.99 -2.59 26.26
CA GLU A 17 -16.12 -4.06 26.33
C GLU A 17 -14.92 -4.72 25.64
N PRO A 18 -14.36 -5.83 26.15
CA PRO A 18 -13.17 -6.40 25.48
C PRO A 18 -13.45 -6.98 24.10
N ALA A 19 -12.42 -7.03 23.24
CA ALA A 19 -12.56 -7.65 21.92
C ALA A 19 -12.41 -9.14 22.17
N VAL A 20 -13.37 -9.95 21.71
CA VAL A 20 -13.40 -11.40 21.96
C VAL A 20 -13.26 -12.14 20.64
N TYR A 21 -12.26 -12.99 20.53
CA TYR A 21 -12.03 -13.76 19.31
C TYR A 21 -12.20 -15.24 19.62
N PRO A 22 -12.93 -16.01 18.80
CA PRO A 22 -13.02 -17.46 19.08
C PRO A 22 -11.73 -18.16 18.65
N TRP A 23 -11.47 -19.33 19.23
CA TRP A 23 -10.35 -20.16 18.83
C TRP A 23 -10.97 -21.47 18.27
N PRO A 24 -10.53 -22.02 17.10
CA PRO A 24 -9.48 -21.53 16.17
C PRO A 24 -9.81 -20.15 15.59
N LEU A 25 -8.77 -19.34 15.40
CA LEU A 25 -8.93 -17.98 14.89
C LEU A 25 -9.34 -17.95 13.44
N PRO A 26 -10.29 -17.06 13.07
CA PRO A 26 -10.70 -16.95 11.66
C PRO A 26 -9.56 -16.63 10.70
N VAL A 27 -9.69 -17.13 9.47
CA VAL A 27 -8.75 -16.87 8.39
C VAL A 27 -9.53 -15.97 7.43
N TYR A 28 -8.92 -14.84 7.02
CA TYR A 28 -9.55 -13.87 6.13
C TYR A 28 -9.23 -14.14 4.66
N ASP A 29 -7.95 -14.48 4.35
CA ASP A 29 -7.45 -14.86 3.02
C ASP A 29 -6.19 -15.73 3.16
N LYS A 30 -5.57 -16.10 2.02
CA LYS A 30 -4.38 -16.95 1.91
C LYS A 30 -3.19 -16.54 2.79
N HIS A 31 -3.01 -15.20 3.03
CA HIS A 31 -1.87 -14.67 3.82
C HIS A 31 -2.28 -13.78 5.02
N HIS A 32 -3.60 -13.61 5.26
CA HIS A 32 -4.14 -12.77 6.33
C HIS A 32 -5.14 -13.51 7.23
N ASP A 33 -4.91 -13.43 8.55
CA ASP A 33 -5.77 -14.03 9.57
C ASP A 33 -5.95 -13.11 10.79
N ALA A 34 -6.84 -13.50 11.72
CA ALA A 34 -7.14 -12.76 12.94
C ALA A 34 -5.98 -12.71 13.94
N ALA A 35 -5.01 -13.65 13.84
CA ALA A 35 -3.83 -13.69 14.71
C ALA A 35 -2.95 -12.48 14.40
N HIS A 36 -2.77 -12.15 13.10
CA HIS A 36 -2.02 -10.96 12.70
C HIS A 36 -2.79 -9.69 13.08
N GLU A 37 -4.13 -9.74 12.99
CA GLU A 37 -4.99 -8.63 13.38
C GLU A 37 -4.80 -8.32 14.87
N ILE A 38 -4.74 -9.36 15.73
CA ILE A 38 -4.52 -9.23 17.18
C ILE A 38 -3.15 -8.59 17.47
N ILE A 39 -2.11 -9.08 16.79
CA ILE A 39 -0.75 -8.59 16.97
C ILE A 39 -0.64 -7.12 16.59
N GLU A 40 -1.19 -6.76 15.43
CA GLU A 40 -1.19 -5.39 14.92
C GLU A 40 -2.04 -4.44 15.78
N THR A 41 -3.16 -4.93 16.32
CA THR A 41 -4.01 -4.14 17.23
C THR A 41 -3.15 -3.76 18.48
N ILE A 42 -2.48 -4.76 19.06
CA ILE A 42 -1.60 -4.58 20.22
C ILE A 42 -0.53 -3.54 19.91
N ARG A 43 0.15 -3.70 18.74
CA ARG A 43 1.22 -2.80 18.31
C ARG A 43 0.72 -1.36 18.13
N TRP A 44 -0.47 -1.19 17.53
CA TRP A 44 -1.07 0.14 17.37
C TRP A 44 -1.41 0.81 18.71
N VAL A 45 -2.01 0.06 19.64
CA VAL A 45 -2.35 0.58 20.97
C VAL A 45 -1.05 0.99 21.75
N CYS A 46 0.02 0.17 21.65
CA CYS A 46 1.32 0.46 22.27
C CYS A 46 1.98 1.66 21.66
N GLU A 47 1.86 1.80 20.33
CA GLU A 47 2.47 2.92 19.63
C GLU A 47 1.86 4.25 20.04
N GLU A 48 0.56 4.25 20.27
CA GLU A 48 -0.09 5.50 20.58
C GLU A 48 -0.30 5.74 22.07
N ILE A 49 0.03 4.76 22.94
CA ILE A 49 0.03 4.92 24.39
C ILE A 49 1.46 4.58 24.87
N PRO A 50 2.39 5.57 24.88
CA PRO A 50 3.78 5.27 25.25
C PRO A 50 4.01 4.60 26.62
N ASP A 51 3.19 4.90 27.65
CA ASP A 51 3.31 4.23 28.95
C ASP A 51 3.07 2.72 28.81
N LEU A 52 2.18 2.33 27.89
CA LEU A 52 1.82 0.92 27.63
C LEU A 52 3.01 0.16 27.09
N LYS A 53 3.73 0.79 26.14
CA LYS A 53 4.93 0.22 25.52
C LYS A 53 5.99 0.04 26.60
N LEU A 54 6.09 0.99 27.56
CA LEU A 54 7.02 0.88 28.70
C LEU A 54 6.66 -0.31 29.60
N ALA A 55 5.38 -0.42 30.03
CA ALA A 55 4.89 -1.46 30.96
C ALA A 55 4.97 -2.90 30.45
N MET A 56 4.76 -3.10 29.16
CA MET A 56 4.73 -4.42 28.52
C MET A 56 6.12 -5.00 28.26
N GLU A 57 6.30 -6.29 28.58
CA GLU A 57 7.55 -7.05 28.37
C GLU A 57 7.74 -7.25 26.86
N ASN A 58 8.84 -6.70 26.31
CA ASN A 58 9.17 -6.62 24.88
C ASN A 58 9.26 -7.95 24.10
N TYR A 59 9.75 -9.04 24.74
CA TYR A 59 9.94 -10.33 24.08
C TYR A 59 8.68 -10.95 23.48
N VAL A 60 7.53 -10.68 24.13
CA VAL A 60 6.16 -11.14 23.86
C VAL A 60 5.71 -10.89 22.40
N LEU A 61 6.10 -9.75 21.80
CA LEU A 61 5.71 -9.46 20.43
C LEU A 61 6.71 -9.99 19.36
N ILE A 62 7.80 -10.67 19.80
CA ILE A 62 8.83 -11.28 18.94
C ILE A 62 8.62 -12.81 18.91
N ASP A 63 8.58 -13.43 20.09
CA ASP A 63 8.42 -14.87 20.20
C ASP A 63 6.98 -15.29 20.44
N TYR A 64 6.23 -15.47 19.34
CA TYR A 64 4.83 -15.91 19.33
C TYR A 64 4.60 -16.98 18.25
N ASP A 65 3.64 -17.87 18.49
CA ASP A 65 3.26 -18.90 17.56
C ASP A 65 1.75 -18.74 17.33
N THR A 66 1.36 -18.23 16.15
CA THR A 66 -0.04 -17.97 15.78
C THR A 66 -0.89 -19.25 15.73
N LYS A 67 -0.25 -20.43 15.63
CA LYS A 67 -0.89 -21.73 15.56
C LYS A 67 -0.94 -22.41 16.93
N SER A 68 -0.56 -21.68 18.00
CA SER A 68 -0.60 -22.24 19.34
C SER A 68 -1.55 -21.45 20.21
N PHE A 69 -2.59 -22.11 20.77
CA PHE A 69 -3.57 -21.44 21.62
C PHE A 69 -2.89 -20.80 22.84
N GLU A 70 -2.04 -21.57 23.53
CA GLU A 70 -1.30 -21.12 24.72
C GLU A 70 -0.39 -19.92 24.42
N SER A 71 0.29 -19.93 23.27
CA SER A 71 1.20 -18.85 22.87
C SER A 71 0.42 -17.55 22.58
N MET A 72 -0.71 -17.66 21.88
CA MET A 72 -1.54 -16.50 21.57
C MET A 72 -2.24 -15.98 22.83
N GLN A 73 -2.63 -16.87 23.73
CA GLN A 73 -3.26 -16.54 25.01
C GLN A 73 -2.28 -15.77 25.91
N ARG A 74 -0.99 -16.17 25.90
CA ARG A 74 0.11 -15.57 26.65
C ARG A 74 0.33 -14.15 26.14
N LEU A 75 0.30 -13.97 24.81
CA LEU A 75 0.47 -12.69 24.17
C LEU A 75 -0.64 -11.73 24.59
N CYS A 76 -1.92 -12.17 24.53
CA CYS A 76 -3.10 -11.39 24.91
C CYS A 76 -3.07 -11.07 26.39
N ASP A 77 -2.64 -12.04 27.21
CA ASP A 77 -2.53 -11.85 28.65
C ASP A 77 -1.51 -10.77 29.05
N LYS A 78 -0.33 -10.77 28.39
CA LYS A 78 0.73 -9.80 28.62
C LYS A 78 0.27 -8.39 28.26
N TYR A 79 -0.48 -8.25 27.15
CA TYR A 79 -1.05 -6.97 26.74
C TYR A 79 -2.13 -6.54 27.76
N ASN A 80 -3.02 -7.47 28.18
CA ASN A 80 -4.10 -7.17 29.14
C ASN A 80 -3.57 -6.74 30.50
N ARG A 81 -2.46 -7.35 30.97
CA ARG A 81 -1.80 -7.00 32.23
C ARG A 81 -1.18 -5.61 32.15
N ALA A 82 -0.63 -5.25 30.99
CA ALA A 82 -0.04 -3.94 30.73
C ALA A 82 -1.14 -2.86 30.69
N ILE A 83 -2.31 -3.18 30.10
CA ILE A 83 -3.49 -2.30 30.10
C ILE A 83 -3.92 -2.05 31.56
N ASP A 84 -3.99 -3.10 32.37
CA ASP A 84 -4.34 -2.98 33.79
C ASP A 84 -3.37 -2.08 34.55
N SER A 85 -2.03 -2.20 34.32
CA SER A 85 -1.04 -1.36 35.02
C SER A 85 -1.21 0.11 34.67
N ILE A 86 -1.48 0.39 33.41
CA ILE A 86 -1.69 1.75 32.88
C ILE A 86 -2.99 2.33 33.44
N HIS A 87 -4.05 1.52 33.53
CA HIS A 87 -5.30 1.95 34.15
C HIS A 87 -5.11 2.24 35.63
N GLN A 88 -4.19 1.52 36.30
CA GLN A 88 -3.88 1.81 37.71
C GLN A 88 -3.10 3.12 37.83
N LEU A 89 -2.15 3.34 36.92
CA LEU A 89 -1.31 4.53 36.83
C LEU A 89 -2.17 5.79 36.62
N TRP A 90 -3.17 5.70 35.74
CA TRP A 90 -4.07 6.79 35.40
C TRP A 90 -5.08 7.10 36.50
N LYS A 91 -5.40 6.09 37.33
CA LYS A 91 -6.30 6.17 38.48
C LYS A 91 -5.54 7.01 39.53
N GLY A 92 -4.27 6.64 39.78
CA GLY A 92 -3.36 7.33 40.69
C GLY A 92 -3.03 8.76 40.35
N THR A 93 -3.43 9.24 39.14
CA THR A 93 -3.24 10.60 38.60
C THR A 93 -1.79 11.07 38.68
N ASN A 100 -11.72 12.25 23.66
CA ASN A 100 -11.77 11.41 22.47
C ASN A 100 -11.32 12.18 21.23
N THR A 101 -10.21 11.73 20.63
CA THR A 101 -9.63 12.37 19.46
C THR A 101 -9.91 11.56 18.19
N ARG A 102 -9.54 12.14 17.03
CA ARG A 102 -9.69 11.45 15.76
C ARG A 102 -8.55 10.44 15.60
N PRO A 103 -8.76 9.30 14.90
CA PRO A 103 -7.64 8.37 14.73
C PRO A 103 -6.58 8.94 13.79
N SER A 104 -5.31 8.56 14.02
CA SER A 104 -4.25 8.91 13.09
C SER A 104 -4.58 8.16 11.77
N THR A 105 -3.99 8.57 10.67
CA THR A 105 -4.20 7.90 9.36
C THR A 105 -3.82 6.41 9.42
N GLY A 106 -2.67 6.12 10.04
CA GLY A 106 -2.21 4.74 10.23
C GLY A 106 -3.19 3.88 11.01
N LEU A 107 -3.71 4.40 12.12
CA LEU A 107 -4.67 3.64 12.92
C LEU A 107 -5.99 3.44 12.17
N LEU A 108 -6.46 4.47 11.46
CA LEU A 108 -7.68 4.41 10.68
C LEU A 108 -7.56 3.33 9.59
N ARG A 109 -6.41 3.23 8.92
CA ARG A 109 -6.21 2.20 7.91
C ARG A 109 -6.41 0.81 8.55
N HIS A 110 -5.83 0.60 9.76
CA HIS A 110 -5.95 -0.65 10.52
C HIS A 110 -7.43 -0.90 10.92
N ILE A 111 -8.11 0.13 11.45
CA ILE A 111 -9.52 0.05 11.87
C ILE A 111 -10.43 -0.37 10.71
N LEU A 112 -10.27 0.29 9.55
CA LEU A 112 -11.10 0.00 8.37
C LEU A 112 -10.92 -1.43 7.86
N GLN A 113 -9.67 -1.92 7.82
CA GLN A 113 -9.39 -3.33 7.43
C GLN A 113 -10.03 -4.31 8.44
N GLN A 114 -9.87 -4.03 9.73
CA GLN A 114 -10.40 -4.84 10.82
C GLN A 114 -11.95 -4.88 10.73
N VAL A 115 -12.57 -3.72 10.48
CA VAL A 115 -14.04 -3.63 10.29
C VAL A 115 -14.45 -4.47 9.07
N TYR A 116 -13.73 -4.36 7.95
CA TYR A 116 -14.00 -5.17 6.76
C TYR A 116 -13.89 -6.68 7.07
N ASN A 117 -12.79 -7.11 7.74
CA ASN A 117 -12.49 -8.49 8.09
C ASN A 117 -13.61 -9.14 8.93
N HIS A 118 -14.16 -8.38 9.88
CA HIS A 118 -15.24 -8.87 10.75
C HIS A 118 -16.61 -8.82 10.07
N SER A 119 -16.76 -8.05 9.00
CA SER A 119 -18.05 -7.84 8.34
C SER A 119 -18.27 -8.62 7.06
N VAL A 120 -17.29 -8.58 6.15
CA VAL A 120 -17.43 -9.21 4.83
C VAL A 120 -16.82 -10.60 4.87
N THR A 121 -17.61 -11.53 5.39
CA THR A 121 -17.25 -12.93 5.61
C THR A 121 -17.26 -13.74 4.32
N ASP A 122 -18.12 -13.36 3.35
CA ASP A 122 -18.21 -14.03 2.06
C ASP A 122 -18.00 -12.98 0.94
N PRO A 123 -16.72 -12.63 0.61
CA PRO A 123 -16.46 -11.59 -0.42
C PRO A 123 -16.90 -11.93 -1.85
N GLU A 124 -17.02 -13.25 -2.17
CA GLU A 124 -17.48 -13.77 -3.46
C GLU A 124 -18.87 -13.20 -3.80
N LYS A 125 -19.75 -13.07 -2.77
CA LYS A 125 -21.12 -12.56 -2.87
C LYS A 125 -21.23 -11.15 -3.47
N LEU A 126 -20.16 -10.33 -3.34
CA LEU A 126 -20.12 -8.95 -3.85
C LEU A 126 -20.21 -8.87 -5.39
N ASN A 127 -19.73 -9.93 -6.10
CA ASN A 127 -19.69 -10.05 -7.57
C ASN A 127 -18.99 -8.83 -8.21
N ASN A 128 -17.87 -8.40 -7.56
CA ASN A 128 -17.07 -7.24 -7.94
C ASN A 128 -15.65 -7.67 -8.29
N TYR A 129 -15.31 -7.58 -9.58
CA TYR A 129 -14.01 -7.98 -10.15
C TYR A 129 -13.23 -6.76 -10.68
N GLU A 130 -13.67 -5.55 -10.29
CA GLU A 130 -13.09 -4.27 -10.69
C GLU A 130 -12.02 -3.78 -9.67
N PRO A 131 -11.11 -2.84 -10.06
CA PRO A 131 -10.13 -2.31 -9.07
C PRO A 131 -10.73 -1.51 -7.91
N PHE A 132 -12.02 -1.17 -8.01
CA PHE A 132 -12.74 -0.38 -7.00
C PHE A 132 -13.49 -1.30 -6.02
N SER A 133 -13.16 -2.58 -6.02
CA SER A 133 -13.80 -3.55 -5.16
C SER A 133 -13.48 -3.35 -3.66
N PRO A 134 -14.50 -3.53 -2.79
CA PRO A 134 -14.26 -3.42 -1.33
C PRO A 134 -13.12 -4.28 -0.82
N GLU A 135 -12.93 -5.43 -1.47
CA GLU A 135 -11.92 -6.45 -1.16
C GLU A 135 -10.48 -5.94 -1.24
N VAL A 136 -10.23 -4.88 -2.05
CA VAL A 136 -8.88 -4.31 -2.23
C VAL A 136 -8.80 -2.82 -1.79
N TYR A 137 -9.80 -2.32 -1.01
CA TYR A 137 -9.90 -0.92 -0.58
C TYR A 137 -8.62 -0.37 0.07
N GLY A 138 -7.95 -1.17 0.87
CA GLY A 138 -6.73 -0.77 1.55
C GLY A 138 -5.54 -0.56 0.59
N GLU A 139 -5.57 -1.12 -0.62
CA GLU A 139 -4.45 -1.05 -1.58
C GLU A 139 -4.12 0.38 -2.12
N THR A 140 -5.10 1.09 -2.71
CA THR A 140 -4.93 2.42 -3.32
C THR A 140 -6.06 3.37 -2.91
N SER A 141 -7.29 2.85 -2.81
CA SER A 141 -8.48 3.65 -2.52
C SER A 141 -8.33 4.45 -1.25
N PHE A 142 -7.88 3.78 -0.18
CA PHE A 142 -7.70 4.40 1.11
C PHE A 142 -6.77 5.61 0.98
N ASP A 143 -5.60 5.43 0.34
CA ASP A 143 -4.63 6.52 0.15
C ASP A 143 -5.16 7.65 -0.69
N LEU A 144 -5.90 7.32 -1.76
CA LEU A 144 -6.48 8.34 -2.62
C LEU A 144 -7.62 9.08 -1.93
N VAL A 145 -8.42 8.40 -1.08
CA VAL A 145 -9.45 9.06 -0.27
C VAL A 145 -8.78 10.01 0.76
N ALA A 146 -7.67 9.59 1.40
CA ALA A 146 -6.91 10.42 2.36
C ALA A 146 -6.40 11.70 1.66
N GLN A 147 -5.88 11.56 0.44
CA GLN A 147 -5.39 12.68 -0.39
C GLN A 147 -6.55 13.63 -0.73
N MET A 148 -7.73 13.06 -1.07
CA MET A 148 -8.95 13.80 -1.39
C MET A 148 -9.43 14.64 -0.17
N ILE A 149 -9.45 14.04 1.03
CA ILE A 149 -9.83 14.71 2.26
C ILE A 149 -8.90 15.93 2.50
N ASP A 150 -7.57 15.75 2.36
CA ASP A 150 -6.62 16.85 2.52
C ASP A 150 -6.81 17.94 1.47
N GLU A 151 -7.28 17.58 0.27
CA GLU A 151 -7.48 18.53 -0.83
C GLU A 151 -8.79 19.32 -0.74
N ILE A 152 -9.92 18.72 -0.35
CA ILE A 152 -11.20 19.45 -0.37
C ILE A 152 -11.51 20.23 0.95
N LYS A 153 -10.88 19.89 2.06
CA LYS A 153 -10.97 20.70 3.31
C LYS A 153 -12.40 21.12 3.74
N MET A 154 -13.21 20.14 3.96
CA MET A 154 -14.57 20.24 4.42
C MET A 154 -14.67 20.77 5.85
N THR A 155 -15.73 21.51 6.14
CA THR A 155 -16.00 22.10 7.44
C THR A 155 -17.35 21.57 7.98
N ASP A 156 -17.75 22.05 9.17
CA ASP A 156 -19.02 21.66 9.81
C ASP A 156 -20.25 22.17 9.07
N ASP A 157 -20.08 23.04 8.07
CA ASP A 157 -21.18 23.51 7.20
C ASP A 157 -21.40 22.54 6.03
N ASP A 158 -20.49 21.57 5.82
CA ASP A 158 -20.64 20.66 4.69
C ASP A 158 -21.50 19.45 5.00
N LEU A 159 -22.12 18.90 3.93
CA LEU A 159 -22.88 17.66 3.92
C LEU A 159 -22.22 16.82 2.83
N PHE A 160 -21.72 15.65 3.22
CA PHE A 160 -21.02 14.73 2.32
C PHE A 160 -21.93 13.56 1.97
N VAL A 161 -21.99 13.23 0.67
CA VAL A 161 -22.80 12.10 0.18
C VAL A 161 -21.96 11.25 -0.79
N ASP A 162 -21.88 9.94 -0.52
CA ASP A 162 -21.26 8.99 -1.43
C ASP A 162 -22.43 8.31 -2.16
N LEU A 163 -22.57 8.58 -3.48
CA LEU A 163 -23.61 8.00 -4.35
C LEU A 163 -23.13 6.64 -4.84
N GLY A 164 -23.73 5.57 -4.34
CA GLY A 164 -23.36 4.19 -4.65
C GLY A 164 -22.20 3.79 -3.76
N SER A 165 -22.46 3.80 -2.44
CA SER A 165 -21.44 3.65 -1.38
C SER A 165 -20.90 2.22 -1.11
N GLY A 166 -21.39 1.22 -1.84
CA GLY A 166 -20.93 -0.16 -1.67
C GLY A 166 -21.16 -0.65 -0.25
N VAL A 167 -20.07 -1.05 0.43
CA VAL A 167 -20.17 -1.53 1.82
C VAL A 167 -19.89 -0.37 2.82
N GLY A 168 -19.75 0.86 2.27
CA GLY A 168 -19.61 2.10 3.05
C GLY A 168 -18.23 2.53 3.48
N GLN A 169 -17.16 1.93 2.90
CA GLN A 169 -15.77 2.23 3.29
C GLN A 169 -15.37 3.72 3.17
N VAL A 170 -15.78 4.41 2.10
CA VAL A 170 -15.46 5.82 1.85
C VAL A 170 -16.14 6.68 2.92
N VAL A 171 -17.43 6.42 3.20
CA VAL A 171 -18.21 7.12 4.22
C VAL A 171 -17.55 6.98 5.60
N LEU A 172 -17.16 5.76 5.99
CA LEU A 172 -16.48 5.50 7.28
C LEU A 172 -15.14 6.25 7.34
N GLN A 173 -14.35 6.25 6.24
CA GLN A 173 -13.08 6.94 6.22
C GLN A 173 -13.26 8.46 6.37
N VAL A 174 -14.19 9.02 5.57
CA VAL A 174 -14.44 10.46 5.57
C VAL A 174 -15.04 10.89 6.91
N ALA A 175 -15.99 10.12 7.47
CA ALA A 175 -16.58 10.46 8.78
C ALA A 175 -15.54 10.40 9.91
N ALA A 176 -14.54 9.51 9.81
CA ALA A 176 -13.49 9.44 10.84
C ALA A 176 -12.53 10.63 10.75
N ALA A 177 -12.35 11.18 9.54
CA ALA A 177 -11.38 12.24 9.30
C ALA A 177 -11.91 13.65 9.34
N THR A 178 -13.18 13.89 8.98
CA THR A 178 -13.68 15.27 8.87
C THR A 178 -14.73 15.67 9.90
N ASN A 179 -15.02 16.96 9.96
CA ASN A 179 -16.08 17.49 10.83
C ASN A 179 -17.33 17.93 10.02
N CYS A 180 -17.64 17.29 8.83
CA CYS A 180 -18.88 17.58 8.08
C CYS A 180 -20.02 17.37 9.04
N LYS A 181 -21.09 18.16 8.87
CA LYS A 181 -22.31 18.08 9.66
C LYS A 181 -22.82 16.60 9.64
N HIS A 182 -22.82 15.97 8.44
CA HIS A 182 -23.26 14.58 8.27
C HIS A 182 -22.68 14.01 7.02
N HIS A 183 -22.49 12.68 7.04
CA HIS A 183 -21.94 11.90 5.95
C HIS A 183 -22.97 10.84 5.59
N TYR A 184 -23.30 10.71 4.32
CA TYR A 184 -24.28 9.73 3.89
C TYR A 184 -23.68 8.85 2.86
N GLY A 185 -24.14 7.61 2.87
CA GLY A 185 -23.83 6.63 1.85
C GLY A 185 -25.15 6.06 1.37
N VAL A 186 -25.36 6.03 0.05
CA VAL A 186 -26.57 5.44 -0.50
C VAL A 186 -26.17 4.32 -1.45
N GLU A 187 -26.68 3.11 -1.19
CA GLU A 187 -26.36 1.95 -2.03
C GLU A 187 -27.66 1.18 -2.44
N LYS A 188 -27.79 0.82 -3.74
CA LYS A 188 -28.98 0.12 -4.29
C LYS A 188 -28.85 -1.39 -4.26
N ALA A 189 -27.63 -1.92 -4.52
CA ALA A 189 -27.46 -3.38 -4.57
C ALA A 189 -27.59 -4.02 -3.19
N ASP A 190 -28.38 -5.10 -3.14
CA ASP A 190 -28.74 -5.86 -1.95
C ASP A 190 -27.58 -6.34 -1.09
N ILE A 191 -26.64 -7.12 -1.69
CA ILE A 191 -25.49 -7.71 -1.00
C ILE A 191 -24.60 -6.62 -0.36
N PRO A 192 -24.05 -5.60 -1.11
CA PRO A 192 -23.26 -4.56 -0.41
C PRO A 192 -24.09 -3.75 0.59
N ALA A 193 -25.37 -3.43 0.32
CA ALA A 193 -26.23 -2.71 1.29
C ALA A 193 -26.38 -3.51 2.60
N LYS A 194 -26.55 -4.85 2.51
CA LYS A 194 -26.66 -5.75 3.67
C LYS A 194 -25.32 -5.76 4.45
N TYR A 195 -24.17 -5.92 3.76
CA TYR A 195 -22.83 -5.87 4.36
C TYR A 195 -22.54 -4.49 5.01
N ALA A 196 -23.04 -3.40 4.40
CA ALA A 196 -22.87 -2.05 4.94
C ALA A 196 -23.50 -1.91 6.35
N GLU A 197 -24.59 -2.64 6.64
CA GLU A 197 -25.25 -2.63 7.96
C GLU A 197 -24.31 -3.22 9.02
N THR A 198 -23.59 -4.28 8.67
CA THR A 198 -22.61 -4.89 9.56
C THR A 198 -21.37 -3.96 9.68
N MET A 199 -20.87 -3.40 8.54
CA MET A 199 -19.72 -2.47 8.54
C MET A 199 -19.99 -1.32 9.52
N ASP A 200 -21.21 -0.76 9.47
CA ASP A 200 -21.66 0.34 10.33
C ASP A 200 -21.54 -0.03 11.84
N ARG A 201 -22.15 -1.17 12.25
CA ARG A 201 -22.10 -1.67 13.63
C ARG A 201 -20.67 -1.96 14.09
N GLU A 202 -19.89 -2.73 13.30
CA GLU A 202 -18.49 -3.06 13.58
C GLU A 202 -17.61 -1.80 13.69
N PHE A 203 -17.83 -0.80 12.81
CA PHE A 203 -17.08 0.47 12.85
C PHE A 203 -17.32 1.21 14.16
N ARG A 204 -18.59 1.41 14.53
CA ARG A 204 -18.96 2.10 15.76
C ARG A 204 -18.39 1.40 17.00
N LYS A 205 -18.42 0.06 17.01
CA LYS A 205 -17.90 -0.75 18.10
C LYS A 205 -16.36 -0.62 18.21
N TRP A 206 -15.63 -0.82 17.10
CA TRP A 206 -14.16 -0.70 17.09
C TRP A 206 -13.69 0.69 17.44
N MET A 207 -14.36 1.73 16.90
CA MET A 207 -14.00 3.12 17.23
C MET A 207 -14.15 3.41 18.74
N LYS A 208 -15.19 2.85 19.38
CA LYS A 208 -15.39 2.97 20.82
C LYS A 208 -14.29 2.19 21.55
N TRP A 209 -13.94 0.99 21.04
CA TRP A 209 -12.90 0.16 21.65
C TRP A 209 -11.55 0.91 21.73
N TYR A 210 -11.17 1.61 20.65
CA TYR A 210 -9.93 2.38 20.61
C TYR A 210 -10.06 3.72 21.31
N GLY A 211 -11.30 4.17 21.52
CA GLY A 211 -11.60 5.47 22.15
C GLY A 211 -11.44 6.61 21.16
N LYS A 212 -11.82 6.36 19.91
CA LYS A 212 -11.70 7.33 18.82
C LYS A 212 -13.00 7.95 18.41
N LYS A 213 -12.94 9.23 18.06
CA LYS A 213 -14.08 10.03 17.63
C LYS A 213 -14.28 9.95 16.10
N HIS A 214 -15.53 10.07 15.66
CA HIS A 214 -15.92 10.16 14.25
C HIS A 214 -17.13 11.09 14.17
N ALA A 215 -17.35 11.68 13.00
CA ALA A 215 -18.49 12.52 12.72
C ALA A 215 -19.71 11.61 12.53
N GLU A 216 -20.90 12.21 12.49
CA GLU A 216 -22.15 11.50 12.29
C GLU A 216 -22.23 11.01 10.86
N TYR A 217 -22.78 9.81 10.67
CA TYR A 217 -22.91 9.27 9.33
C TYR A 217 -24.09 8.33 9.29
N THR A 218 -24.62 8.09 8.09
CA THR A 218 -25.73 7.16 7.87
C THR A 218 -25.43 6.41 6.58
N LEU A 219 -25.55 5.09 6.65
CA LEU A 219 -25.43 4.24 5.47
C LEU A 219 -26.85 3.76 5.20
N GLU A 220 -27.37 4.09 4.03
CA GLU A 220 -28.75 3.68 3.72
C GLU A 220 -28.85 2.95 2.41
N ARG A 221 -29.87 2.11 2.32
CA ARG A 221 -30.18 1.37 1.10
C ARG A 221 -31.12 2.28 0.33
N GLY A 222 -30.88 2.47 -0.95
CA GLY A 222 -31.74 3.32 -1.77
C GLY A 222 -31.25 3.50 -3.19
N ASP A 223 -32.08 4.12 -4.02
CA ASP A 223 -31.77 4.42 -5.41
C ASP A 223 -31.50 5.92 -5.48
N PHE A 224 -30.24 6.32 -5.81
CA PHE A 224 -29.88 7.76 -5.85
C PHE A 224 -30.55 8.52 -7.02
N LEU A 225 -31.29 7.79 -7.90
CA LEU A 225 -32.00 8.42 -9.01
C LEU A 225 -33.48 8.69 -8.68
N SER A 226 -33.95 8.30 -7.49
CA SER A 226 -35.33 8.51 -7.04
C SER A 226 -35.63 10.01 -6.81
N GLU A 227 -36.92 10.36 -6.67
CA GLU A 227 -37.39 11.74 -6.43
C GLU A 227 -36.90 12.32 -5.11
N GLU A 228 -36.89 11.50 -4.06
CA GLU A 228 -36.40 11.87 -2.72
C GLU A 228 -34.93 12.32 -2.83
N TRP A 229 -34.11 11.52 -3.54
CA TRP A 229 -32.68 11.79 -3.72
C TRP A 229 -32.38 13.02 -4.60
N ARG A 230 -33.34 13.44 -5.46
CA ARG A 230 -33.19 14.62 -6.31
C ARG A 230 -33.00 15.87 -5.45
N GLU A 231 -33.87 16.05 -4.44
CA GLU A 231 -33.82 17.18 -3.52
C GLU A 231 -32.61 17.05 -2.59
N ARG A 232 -32.30 15.83 -2.19
CA ARG A 232 -31.15 15.54 -1.31
C ARG A 232 -29.82 15.89 -1.98
N ILE A 233 -29.62 15.50 -3.28
CA ILE A 233 -28.42 15.85 -4.06
C ILE A 233 -28.32 17.40 -4.20
N ALA A 234 -29.45 18.08 -4.50
CA ALA A 234 -29.54 19.54 -4.63
C ALA A 234 -29.04 20.23 -3.36
N ASN A 235 -29.27 19.62 -2.19
CA ASN A 235 -28.87 20.19 -0.89
C ASN A 235 -27.54 19.65 -0.34
N THR A 236 -26.81 18.90 -1.15
CA THR A 236 -25.51 18.30 -0.76
C THR A 236 -24.39 19.25 -1.18
N SER A 237 -23.41 19.49 -0.29
CA SER A 237 -22.30 20.35 -0.67
C SER A 237 -21.11 19.57 -1.31
N VAL A 238 -20.92 18.29 -0.93
CA VAL A 238 -19.84 17.44 -1.47
C VAL A 238 -20.41 16.07 -1.87
N ILE A 239 -20.39 15.76 -3.16
CA ILE A 239 -20.81 14.46 -3.70
C ILE A 239 -19.52 13.69 -4.04
N PHE A 240 -19.46 12.41 -3.66
CA PHE A 240 -18.39 11.48 -4.02
C PHE A 240 -19.09 10.43 -4.85
N VAL A 241 -18.55 10.13 -6.03
CA VAL A 241 -19.21 9.12 -6.86
C VAL A 241 -18.20 8.35 -7.70
N ASN A 242 -18.24 7.02 -7.63
CA ASN A 242 -17.42 6.20 -8.49
C ASN A 242 -18.28 5.89 -9.74
N ASN A 243 -18.22 6.77 -10.74
CA ASN A 243 -19.03 6.68 -11.96
C ASN A 243 -18.31 6.01 -13.13
N PHE A 244 -17.14 5.40 -12.88
CA PHE A 244 -16.31 4.75 -13.89
C PHE A 244 -17.08 3.79 -14.83
N ALA A 245 -17.93 2.91 -14.26
CA ALA A 245 -18.68 1.95 -15.06
C ALA A 245 -20.13 2.35 -15.38
N PHE A 246 -20.56 3.58 -15.02
CA PHE A 246 -21.94 4.01 -15.27
C PHE A 246 -22.25 4.15 -16.75
N GLY A 247 -23.41 3.65 -17.15
CA GLY A 247 -23.87 3.77 -18.54
C GLY A 247 -24.32 5.19 -18.89
N PRO A 248 -24.70 5.45 -20.17
CA PRO A 248 -25.08 6.83 -20.55
C PRO A 248 -26.36 7.35 -19.91
N GLU A 249 -27.34 6.48 -19.61
CA GLU A 249 -28.60 6.92 -18.99
C GLU A 249 -28.38 7.42 -17.55
N VAL A 250 -27.62 6.65 -16.74
CA VAL A 250 -27.28 7.01 -15.37
C VAL A 250 -26.46 8.30 -15.36
N ASP A 251 -25.45 8.38 -16.22
CA ASP A 251 -24.59 9.55 -16.36
C ASP A 251 -25.43 10.82 -16.67
N HIS A 252 -26.35 10.70 -17.62
CA HIS A 252 -27.25 11.77 -18.05
C HIS A 252 -28.17 12.18 -16.89
N GLN A 253 -28.79 11.21 -16.20
CA GLN A 253 -29.64 11.45 -15.04
C GLN A 253 -28.87 12.13 -13.90
N LEU A 254 -27.61 11.73 -13.66
CA LEU A 254 -26.75 12.33 -12.63
C LEU A 254 -26.43 13.78 -12.93
N LYS A 255 -26.12 14.10 -14.19
CA LYS A 255 -25.83 15.50 -14.61
C LYS A 255 -27.07 16.37 -14.36
N GLU A 256 -28.27 15.84 -14.60
CA GLU A 256 -29.54 16.53 -14.34
C GLU A 256 -29.68 16.80 -12.82
N ARG A 257 -29.27 15.84 -11.97
CA ARG A 257 -29.28 16.01 -10.51
C ARG A 257 -28.31 17.09 -10.08
N PHE A 258 -27.08 17.06 -10.64
CA PHE A 258 -26.01 18.01 -10.30
C PHE A 258 -26.36 19.42 -10.73
N ALA A 259 -27.15 19.56 -11.81
CA ALA A 259 -27.60 20.86 -12.33
C ALA A 259 -28.52 21.63 -11.34
N ASN A 260 -28.99 20.96 -10.27
CA ASN A 260 -29.79 21.60 -9.22
C ASN A 260 -28.95 21.96 -7.99
N MET A 261 -27.65 21.65 -8.00
CA MET A 261 -26.81 21.96 -6.84
C MET A 261 -26.53 23.47 -6.72
N LYS A 262 -26.18 23.88 -5.50
CA LYS A 262 -25.87 25.29 -5.18
C LYS A 262 -24.48 25.64 -5.73
N GLU A 263 -24.19 26.95 -5.93
CA GLU A 263 -22.88 27.45 -6.33
C GLU A 263 -21.87 26.98 -5.30
N GLY A 264 -20.72 26.53 -5.77
CA GLY A 264 -19.64 26.04 -4.92
C GLY A 264 -19.82 24.60 -4.49
N GLY A 265 -20.93 23.96 -4.90
CA GLY A 265 -21.19 22.55 -4.64
C GLY A 265 -20.10 21.76 -5.36
N ARG A 266 -19.61 20.67 -4.77
CA ARG A 266 -18.50 19.94 -5.38
C ARG A 266 -18.80 18.49 -5.60
N ILE A 267 -18.27 17.97 -6.70
CA ILE A 267 -18.41 16.56 -7.07
C ILE A 267 -17.02 15.99 -7.32
N VAL A 268 -16.68 14.94 -6.59
CA VAL A 268 -15.41 14.23 -6.78
C VAL A 268 -15.76 12.89 -7.39
N SER A 269 -15.13 12.57 -8.52
CA SER A 269 -15.47 11.33 -9.23
C SER A 269 -14.25 10.64 -9.86
N SER A 270 -14.46 9.40 -10.34
CA SER A 270 -13.39 8.60 -10.99
C SER A 270 -13.32 8.87 -12.51
N LYS A 271 -14.39 9.44 -13.08
CA LYS A 271 -14.45 9.86 -14.48
C LYS A 271 -15.06 11.26 -14.53
N PRO A 272 -14.50 12.20 -15.33
CA PRO A 272 -15.10 13.55 -15.39
C PRO A 272 -16.50 13.56 -16.00
N PHE A 273 -17.38 14.43 -15.48
CA PHE A 273 -18.74 14.62 -15.99
C PHE A 273 -18.77 15.66 -17.11
N ALA A 274 -17.68 16.42 -17.28
CA ALA A 274 -17.60 17.42 -18.35
C ALA A 274 -16.18 17.42 -18.88
N PRO A 275 -15.93 17.86 -20.14
CA PRO A 275 -14.54 17.87 -20.63
C PRO A 275 -13.66 18.78 -19.79
N LEU A 276 -12.40 18.39 -19.65
CA LEU A 276 -11.41 19.17 -18.90
C LEU A 276 -11.09 20.48 -19.61
N ASN A 277 -11.25 20.53 -20.93
CA ASN A 277 -10.97 21.72 -21.76
C ASN A 277 -12.27 22.34 -22.31
N PHE A 278 -13.40 22.18 -21.60
CA PHE A 278 -14.69 22.74 -22.04
C PHE A 278 -14.61 24.20 -22.43
N ARG A 279 -15.10 24.52 -23.63
CA ARG A 279 -15.16 25.89 -24.14
C ARG A 279 -16.59 26.18 -24.58
N ILE A 280 -17.27 27.03 -23.80
CA ILE A 280 -18.66 27.39 -24.05
C ILE A 280 -18.81 28.11 -25.41
N ASN A 281 -19.80 27.70 -26.16
CA ASN A 281 -20.16 28.31 -27.44
C ASN A 281 -21.67 28.18 -27.65
N SER A 282 -22.19 28.72 -28.77
CA SER A 282 -23.62 28.69 -29.09
C SER A 282 -24.19 27.26 -29.30
N ARG A 283 -23.33 26.27 -29.58
CA ARG A 283 -23.74 24.90 -29.88
C ARG A 283 -23.68 23.93 -28.71
N ASN A 284 -23.05 24.32 -27.58
CA ASN A 284 -22.93 23.43 -26.40
C ASN A 284 -23.52 24.04 -25.12
N LEU A 285 -24.47 24.99 -25.24
CA LEU A 285 -25.12 25.66 -24.12
C LEU A 285 -25.90 24.76 -23.17
N SER A 286 -26.28 23.57 -23.66
CA SER A 286 -27.03 22.58 -22.92
C SER A 286 -26.15 21.76 -22.01
N ASP A 287 -24.86 21.66 -22.35
CA ASP A 287 -23.91 20.82 -21.63
C ASP A 287 -23.65 21.26 -20.18
N ILE A 288 -23.38 20.28 -19.31
CA ILE A 288 -23.10 20.49 -17.87
C ILE A 288 -21.83 21.33 -17.67
N GLY A 289 -20.91 21.33 -18.65
CA GLY A 289 -19.69 22.12 -18.65
C GLY A 289 -19.93 23.63 -18.56
N THR A 290 -21.16 24.06 -18.93
CA THR A 290 -21.54 25.48 -18.85
C THR A 290 -21.76 25.94 -17.39
N ILE A 291 -21.90 25.00 -16.44
CA ILE A 291 -22.19 25.39 -15.06
C ILE A 291 -21.22 24.75 -14.05
N MET A 292 -20.15 24.12 -14.52
CA MET A 292 -19.18 23.56 -13.58
C MET A 292 -17.76 23.63 -14.05
N ARG A 293 -16.83 23.94 -13.11
CA ARG A 293 -15.39 23.87 -13.35
C ARG A 293 -15.02 22.39 -13.16
N VAL A 294 -13.99 21.92 -13.84
CA VAL A 294 -13.52 20.54 -13.72
C VAL A 294 -12.01 20.57 -13.70
N VAL A 295 -11.39 19.88 -12.75
CA VAL A 295 -9.93 19.77 -12.66
C VAL A 295 -9.56 18.32 -12.32
N GLU A 296 -8.46 17.85 -12.91
CA GLU A 296 -7.93 16.54 -12.64
C GLU A 296 -6.97 16.68 -11.48
N LEU A 297 -7.17 15.86 -10.43
CA LEU A 297 -6.30 15.87 -9.27
C LEU A 297 -5.50 14.59 -9.24
N SER A 298 -4.19 14.73 -9.20
CA SER A 298 -3.31 13.56 -9.17
C SER A 298 -2.28 13.72 -8.07
N PRO A 299 -2.16 12.72 -7.17
CA PRO A 299 -1.11 12.78 -6.14
C PRO A 299 0.30 12.82 -6.75
N LEU A 300 0.47 12.36 -8.00
CA LEU A 300 1.75 12.45 -8.68
C LEU A 300 2.15 13.90 -8.99
N LYS A 301 1.17 14.83 -9.07
CA LYS A 301 1.44 16.26 -9.29
C LYS A 301 1.48 17.00 -7.95
N GLY A 302 2.41 17.93 -7.83
CA GLY A 302 2.64 18.71 -6.63
C GLY A 302 3.85 18.29 -5.83
N SER A 305 4.69 13.43 -1.84
CA SER A 305 5.63 12.31 -1.82
C SER A 305 4.91 10.96 -2.13
N TRP A 306 4.16 10.91 -3.25
CA TRP A 306 3.39 9.73 -3.70
C TRP A 306 4.25 8.75 -4.47
N THR A 307 4.24 7.47 -4.07
CA THR A 307 4.97 6.41 -4.76
C THR A 307 4.01 5.24 -5.09
N GLY A 308 2.70 5.45 -4.97
CA GLY A 308 1.69 4.44 -5.29
C GLY A 308 1.38 4.40 -6.78
N LYS A 309 0.19 3.88 -7.13
CA LYS A 309 -0.26 3.78 -8.53
C LYS A 309 -0.46 5.14 -9.18
N PRO A 310 -0.20 5.25 -10.50
CA PRO A 310 -0.37 6.56 -11.18
C PRO A 310 -1.85 6.82 -11.47
N VAL A 311 -2.59 7.18 -10.41
CA VAL A 311 -4.02 7.37 -10.42
C VAL A 311 -4.39 8.83 -10.30
N SER A 312 -5.62 9.14 -10.68
CA SER A 312 -6.22 10.49 -10.67
C SER A 312 -7.67 10.38 -10.29
N TYR A 313 -8.22 11.50 -9.84
CA TYR A 313 -9.64 11.67 -9.62
C TYR A 313 -10.00 13.08 -10.13
N TYR A 314 -11.29 13.38 -10.24
CA TYR A 314 -11.78 14.62 -10.83
C TYR A 314 -12.61 15.41 -9.88
N LEU A 315 -12.29 16.71 -9.77
CA LEU A 315 -13.03 17.64 -8.92
C LEU A 315 -13.84 18.59 -9.80
N HIS A 316 -15.17 18.60 -9.59
CA HIS A 316 -16.12 19.47 -10.30
C HIS A 316 -16.67 20.46 -9.27
N THR A 317 -16.72 21.75 -9.64
CA THR A 317 -17.25 22.77 -8.75
C THR A 317 -18.35 23.52 -9.49
N ILE A 318 -19.55 23.55 -8.91
CA ILE A 318 -20.70 24.27 -9.52
C ILE A 318 -20.33 25.74 -9.58
N ASP A 319 -20.38 26.30 -10.80
CA ASP A 319 -20.05 27.71 -11.04
C ASP A 319 -20.85 28.20 -12.24
N ARG A 320 -22.02 28.82 -11.97
CA ARG A 320 -22.92 29.32 -12.99
C ARG A 320 -22.40 30.61 -13.64
N THR A 321 -21.32 31.22 -13.10
CA THR A 321 -20.71 32.37 -13.75
C THR A 321 -20.09 31.99 -15.12
N ILE A 322 -19.81 30.72 -15.36
CA ILE A 322 -19.32 30.31 -16.69
C ILE A 322 -20.39 30.68 -17.74
N LEU A 323 -21.66 30.30 -17.46
CA LEU A 323 -22.80 30.57 -18.34
C LEU A 323 -23.09 32.06 -18.37
N GLU A 324 -23.10 32.69 -17.19
CA GLU A 324 -23.38 34.10 -17.09
C GLU A 324 -22.40 34.96 -17.89
N ASN A 325 -21.08 34.62 -17.85
CA ASN A 325 -20.04 35.39 -18.56
C ASN A 325 -20.22 35.26 -20.06
N TYR A 326 -20.69 34.10 -20.53
CA TYR A 326 -20.99 33.88 -21.94
C TYR A 326 -22.09 34.86 -22.39
N PHE A 327 -23.21 34.96 -21.62
CA PHE A 327 -24.31 35.89 -21.97
C PHE A 327 -23.84 37.35 -21.88
N SER A 328 -23.09 37.72 -20.82
CA SER A 328 -22.63 39.10 -20.69
C SER A 328 -21.61 39.46 -21.79
N SER A 329 -20.84 38.48 -22.27
CA SER A 329 -19.90 38.66 -23.39
C SER A 329 -20.62 38.89 -24.74
N LEU A 330 -21.79 38.24 -24.95
CA LEU A 330 -22.63 38.48 -26.13
C LEU A 330 -23.23 39.90 -26.12
N LYS A 331 -23.58 40.41 -24.92
CA LYS A 331 -24.18 41.73 -24.71
C LYS A 331 -23.13 42.85 -24.53
N ASN A 332 -21.85 42.48 -24.32
CA ASN A 332 -20.73 43.41 -24.20
C ASN A 332 -19.59 42.97 -25.13
N PRO A 333 -19.77 43.05 -26.48
CA PRO A 333 -18.68 42.60 -27.37
C PRO A 333 -17.55 43.62 -27.49
N LYS B 5 -1.03 -10.14 -34.97
CA LYS B 5 -2.33 -9.48 -35.19
C LYS B 5 -3.14 -9.31 -33.89
N LEU B 6 -3.55 -10.45 -33.27
CA LEU B 6 -4.31 -10.47 -32.02
C LEU B 6 -3.42 -10.12 -30.83
N GLU B 7 -2.92 -8.87 -30.80
CA GLU B 7 -2.01 -8.44 -29.75
C GLU B 7 -1.96 -6.91 -29.60
N LEU B 8 -1.35 -6.45 -28.51
CA LEU B 8 -1.14 -5.04 -28.19
C LEU B 8 0.34 -4.78 -28.00
N ARG B 9 0.84 -3.68 -28.56
CA ARG B 9 2.27 -3.35 -28.47
C ARG B 9 2.50 -1.99 -27.88
N LEU B 10 3.52 -1.89 -27.00
CA LEU B 10 3.96 -0.63 -26.39
C LEU B 10 5.41 -0.41 -26.76
N LYS B 11 5.68 0.69 -27.44
CA LYS B 11 7.05 1.04 -27.82
C LYS B 11 7.81 1.50 -26.58
N SER B 12 9.07 1.12 -26.51
CA SER B 12 9.94 1.51 -25.42
C SER B 12 10.29 3.00 -25.56
N PRO B 13 10.29 3.78 -24.45
CA PRO B 13 10.70 5.19 -24.54
C PRO B 13 12.18 5.37 -24.94
N VAL B 14 13.01 4.32 -24.86
CA VAL B 14 14.46 4.44 -25.17
C VAL B 14 14.85 3.62 -26.40
N GLY B 15 13.87 3.13 -27.15
CA GLY B 15 14.13 2.40 -28.39
C GLY B 15 14.48 0.93 -28.23
N ALA B 16 14.25 0.35 -27.04
CA ALA B 16 14.44 -1.09 -26.84
C ALA B 16 13.29 -1.81 -27.64
N GLU B 17 13.30 -3.15 -27.68
CA GLU B 17 12.26 -3.95 -28.35
C GLU B 17 10.89 -3.66 -27.71
N PRO B 18 9.79 -3.58 -28.48
CA PRO B 18 8.50 -3.23 -27.86
C PRO B 18 7.96 -4.29 -26.90
N ALA B 19 7.15 -3.86 -25.93
CA ALA B 19 6.49 -4.81 -25.02
C ALA B 19 5.27 -5.33 -25.83
N VAL B 20 5.12 -6.64 -25.93
CA VAL B 20 4.07 -7.28 -26.74
C VAL B 20 3.16 -8.08 -25.83
N TYR B 21 1.87 -7.77 -25.85
CA TYR B 21 0.90 -8.48 -25.02
C TYR B 21 -0.09 -9.21 -25.91
N PRO B 22 -0.39 -10.48 -25.67
CA PRO B 22 -1.41 -11.14 -26.51
C PRO B 22 -2.81 -10.66 -26.11
N TRP B 23 -3.76 -10.80 -27.03
CA TRP B 23 -5.17 -10.52 -26.75
C TRP B 23 -5.91 -11.86 -26.89
N PRO B 24 -6.82 -12.27 -25.97
CA PRO B 24 -7.26 -11.59 -24.73
C PRO B 24 -6.11 -11.40 -23.74
N LEU B 25 -6.14 -10.29 -23.02
CA LEU B 25 -5.08 -9.93 -22.08
C LEU B 25 -5.03 -10.84 -20.87
N PRO B 26 -3.82 -11.25 -20.42
CA PRO B 26 -3.73 -12.08 -19.20
C PRO B 26 -4.33 -11.42 -17.95
N VAL B 27 -4.87 -12.26 -17.09
CA VAL B 27 -5.43 -11.87 -15.82
C VAL B 27 -4.43 -12.39 -14.78
N TYR B 28 -4.02 -11.54 -13.83
CA TYR B 28 -3.06 -11.90 -12.77
C TYR B 28 -3.75 -12.41 -11.51
N ASP B 29 -4.87 -11.76 -11.09
CA ASP B 29 -5.75 -12.15 -9.99
C ASP B 29 -7.17 -11.60 -10.19
N LYS B 30 -8.08 -11.81 -9.22
CA LYS B 30 -9.48 -11.39 -9.25
C LYS B 30 -9.74 -9.91 -9.61
N HIS B 31 -8.81 -8.99 -9.21
CA HIS B 31 -8.96 -7.54 -9.45
C HIS B 31 -7.76 -6.87 -10.18
N HIS B 32 -6.75 -7.67 -10.61
CA HIS B 32 -5.53 -7.21 -11.29
C HIS B 32 -5.26 -7.93 -12.60
N ASP B 33 -4.94 -7.15 -13.67
CA ASP B 33 -4.71 -7.72 -14.99
C ASP B 33 -3.70 -6.92 -15.85
N ALA B 34 -3.35 -7.47 -17.03
CA ALA B 34 -2.44 -6.85 -17.98
C ALA B 34 -3.01 -5.55 -18.59
N ALA B 35 -4.36 -5.38 -18.62
CA ALA B 35 -4.97 -4.12 -19.14
C ALA B 35 -4.56 -2.94 -18.28
N HIS B 36 -4.62 -3.12 -16.94
CA HIS B 36 -4.24 -2.12 -15.95
C HIS B 36 -2.74 -1.92 -15.94
N GLU B 37 -1.98 -2.98 -16.17
CA GLU B 37 -0.53 -2.85 -16.26
C GLU B 37 -0.18 -1.96 -17.48
N ILE B 38 -0.89 -2.15 -18.60
CA ILE B 38 -0.65 -1.33 -19.82
C ILE B 38 -0.94 0.15 -19.53
N ILE B 39 -2.09 0.44 -18.94
CA ILE B 39 -2.51 1.82 -18.65
C ILE B 39 -1.51 2.49 -17.72
N GLU B 40 -1.13 1.79 -16.63
CA GLU B 40 -0.19 2.29 -15.64
C GLU B 40 1.23 2.47 -16.23
N THR B 41 1.67 1.56 -17.11
CA THR B 41 2.97 1.70 -17.78
C THR B 41 2.97 3.01 -18.58
N ILE B 42 1.91 3.24 -19.38
CA ILE B 42 1.75 4.44 -20.19
C ILE B 42 1.80 5.69 -19.32
N ARG B 43 1.02 5.69 -18.21
CA ARG B 43 0.96 6.80 -17.28
C ARG B 43 2.30 7.07 -16.64
N TRP B 44 3.04 6.02 -16.22
CA TRP B 44 4.39 6.21 -15.65
C TRP B 44 5.37 6.80 -16.65
N VAL B 45 5.38 6.30 -17.90
CA VAL B 45 6.30 6.82 -18.93
C VAL B 45 5.98 8.30 -19.24
N CYS B 46 4.68 8.66 -19.32
CA CYS B 46 4.25 10.04 -19.55
C CYS B 46 4.59 10.95 -18.40
N GLU B 47 4.44 10.43 -17.16
CA GLU B 47 4.74 11.21 -15.97
C GLU B 47 6.21 11.58 -15.90
N GLU B 48 7.07 10.68 -16.31
CA GLU B 48 8.48 10.94 -16.19
C GLU B 48 9.16 11.48 -17.46
N ILE B 49 8.42 11.52 -18.59
CA ILE B 49 8.91 12.15 -19.82
C ILE B 49 7.89 13.25 -20.16
N PRO B 50 8.07 14.48 -19.62
CA PRO B 50 7.06 15.55 -19.85
C PRO B 50 6.74 15.89 -21.30
N ASP B 51 7.73 15.81 -22.24
CA ASP B 51 7.42 16.05 -23.67
C ASP B 51 6.42 15.03 -24.19
N LEU B 52 6.51 13.79 -23.67
CA LEU B 52 5.62 12.71 -24.06
C LEU B 52 4.18 12.99 -23.67
N LYS B 53 3.95 13.50 -22.46
CA LYS B 53 2.64 13.91 -21.95
C LYS B 53 2.09 15.02 -22.81
N LEU B 54 2.95 15.99 -23.23
CA LEU B 54 2.54 17.06 -24.15
C LEU B 54 2.14 16.49 -25.51
N ALA B 55 2.95 15.55 -26.05
CA ALA B 55 2.66 14.98 -27.38
C ALA B 55 1.42 14.06 -27.37
N MET B 56 1.22 13.30 -26.31
CA MET B 56 0.08 12.36 -26.32
C MET B 56 -1.30 12.99 -26.21
N GLU B 57 -2.26 12.53 -27.02
CA GLU B 57 -3.67 12.95 -26.94
C GLU B 57 -4.19 12.15 -25.73
N ASN B 58 -4.33 12.85 -24.62
CA ASN B 58 -4.60 12.23 -23.32
C ASN B 58 -6.03 11.82 -23.04
N TYR B 59 -7.00 12.23 -23.89
CA TYR B 59 -8.40 11.86 -23.72
C TYR B 59 -8.59 10.34 -23.69
N VAL B 60 -7.69 9.55 -24.39
CA VAL B 60 -7.81 8.08 -24.39
C VAL B 60 -7.59 7.50 -23.00
N LEU B 61 -6.82 8.20 -22.14
CA LEU B 61 -6.54 7.73 -20.77
C LEU B 61 -7.75 7.90 -19.84
N ILE B 62 -8.79 8.56 -20.33
CA ILE B 62 -10.07 8.76 -19.65
C ILE B 62 -11.06 7.77 -20.31
N ASP B 63 -11.17 7.85 -21.65
CA ASP B 63 -12.02 7.10 -22.55
C ASP B 63 -11.39 5.76 -22.97
N TYR B 64 -11.48 4.74 -22.09
CA TYR B 64 -10.96 3.42 -22.44
C TYR B 64 -11.87 2.31 -21.94
N ASP B 65 -11.95 1.23 -22.69
CA ASP B 65 -12.73 0.07 -22.32
C ASP B 65 -11.75 -1.11 -22.37
N THR B 66 -11.36 -1.62 -21.19
CA THR B 66 -10.41 -2.73 -21.05
C THR B 66 -10.89 -4.03 -21.68
N LYS B 67 -12.21 -4.14 -21.93
CA LYS B 67 -12.86 -5.32 -22.53
C LYS B 67 -13.05 -5.13 -24.03
N SER B 68 -12.49 -4.08 -24.61
CA SER B 68 -12.63 -3.86 -26.04
C SER B 68 -11.25 -3.86 -26.69
N PHE B 69 -11.04 -4.78 -27.65
CA PHE B 69 -9.75 -4.86 -28.35
C PHE B 69 -9.42 -3.53 -29.05
N GLU B 70 -10.39 -2.99 -29.80
CA GLU B 70 -10.26 -1.72 -30.54
C GLU B 70 -9.94 -0.54 -29.62
N SER B 71 -10.59 -0.47 -28.46
CA SER B 71 -10.39 0.61 -27.50
C SER B 71 -8.98 0.56 -26.87
N MET B 72 -8.51 -0.65 -26.51
CA MET B 72 -7.18 -0.83 -25.95
C MET B 72 -6.10 -0.61 -27.02
N GLN B 73 -6.38 -1.01 -28.25
CA GLN B 73 -5.48 -0.81 -29.40
C GLN B 73 -5.29 0.68 -29.70
N ARG B 74 -6.38 1.49 -29.61
CA ARG B 74 -6.35 2.93 -29.85
C ARG B 74 -5.55 3.61 -28.72
N LEU B 75 -5.68 3.13 -27.49
CA LEU B 75 -4.90 3.65 -26.37
C LEU B 75 -3.38 3.44 -26.60
N CYS B 76 -2.99 2.21 -26.99
CA CYS B 76 -1.60 1.83 -27.26
C CYS B 76 -1.08 2.59 -28.48
N ASP B 77 -1.93 2.77 -29.48
CA ASP B 77 -1.55 3.50 -30.68
C ASP B 77 -1.24 5.00 -30.42
N LYS B 78 -2.07 5.69 -29.61
CA LYS B 78 -1.85 7.09 -29.22
C LYS B 78 -0.51 7.23 -28.48
N TYR B 79 -0.22 6.29 -27.56
CA TYR B 79 1.02 6.32 -26.83
C TYR B 79 2.21 6.07 -27.81
N ASN B 80 2.08 5.07 -28.71
CA ASN B 80 3.14 4.74 -29.69
C ASN B 80 3.43 5.90 -30.68
N ARG B 81 2.39 6.62 -31.12
CA ARG B 81 2.54 7.78 -32.01
C ARG B 81 3.24 8.92 -31.27
N ALA B 82 2.96 9.09 -29.98
CA ALA B 82 3.58 10.11 -29.12
C ALA B 82 5.06 9.77 -28.91
N ILE B 83 5.39 8.49 -28.75
CA ILE B 83 6.78 7.97 -28.65
C ILE B 83 7.53 8.31 -29.95
N ASP B 84 6.91 8.06 -31.11
CA ASP B 84 7.50 8.39 -32.41
C ASP B 84 7.80 9.89 -32.56
N SER B 85 6.87 10.78 -32.13
CA SER B 85 7.05 12.24 -32.22
C SER B 85 8.22 12.71 -31.36
N ILE B 86 8.34 12.14 -30.16
CA ILE B 86 9.39 12.45 -29.19
C ILE B 86 10.73 11.96 -29.69
N HIS B 87 10.75 10.76 -30.33
CA HIS B 87 11.98 10.25 -30.95
C HIS B 87 12.41 11.14 -32.13
N GLN B 88 11.45 11.75 -32.85
CA GLN B 88 11.79 12.70 -33.91
C GLN B 88 12.35 13.99 -33.30
N LEU B 89 11.72 14.47 -32.21
CA LEU B 89 12.12 15.68 -31.48
C LEU B 89 13.55 15.56 -30.95
N TRP B 90 13.88 14.40 -30.39
CA TRP B 90 15.19 14.10 -29.82
C TRP B 90 16.28 13.90 -30.87
N LYS B 91 15.90 13.49 -32.08
CA LYS B 91 16.76 13.32 -33.24
C LYS B 91 17.18 14.75 -33.66
N GLY B 92 16.18 15.65 -33.81
CA GLY B 92 16.35 17.06 -34.15
C GLY B 92 17.08 17.91 -33.11
N THR B 93 16.94 17.55 -31.81
CA THR B 93 17.58 18.32 -30.72
C THR B 93 18.94 17.72 -30.32
N ASN B 100 19.20 7.17 -18.77
CA ASN B 100 19.95 6.08 -18.13
C ASN B 100 20.21 6.43 -16.65
N THR B 101 19.11 6.52 -15.87
CA THR B 101 19.19 6.86 -14.44
C THR B 101 18.56 5.74 -13.54
N ARG B 102 18.63 5.86 -12.21
CA ARG B 102 17.99 4.87 -11.33
C ARG B 102 16.50 5.19 -11.34
N PRO B 103 15.63 4.18 -11.26
CA PRO B 103 14.19 4.50 -11.28
C PRO B 103 13.76 5.21 -9.99
N SER B 104 12.76 6.05 -10.09
CA SER B 104 12.17 6.68 -8.90
C SER B 104 11.53 5.51 -8.09
N THR B 105 11.22 5.72 -6.83
CA THR B 105 10.59 4.71 -5.98
C THR B 105 9.23 4.27 -6.56
N GLY B 106 8.43 5.24 -7.03
CA GLY B 106 7.14 4.95 -7.66
C GLY B 106 7.27 4.08 -8.89
N LEU B 107 8.20 4.39 -9.77
CA LEU B 107 8.39 3.57 -10.97
C LEU B 107 8.92 2.17 -10.62
N LEU B 108 9.86 2.09 -9.67
CA LEU B 108 10.39 0.80 -9.22
C LEU B 108 9.30 -0.09 -8.64
N ARG B 109 8.36 0.48 -7.88
CA ARG B 109 7.26 -0.32 -7.35
C ARG B 109 6.47 -0.95 -8.53
N HIS B 110 6.17 -0.14 -9.57
CA HIS B 110 5.48 -0.59 -10.78
C HIS B 110 6.31 -1.69 -11.51
N ILE B 111 7.63 -1.44 -11.73
CA ILE B 111 8.52 -2.39 -12.40
C ILE B 111 8.57 -3.74 -11.68
N LEU B 112 8.73 -3.74 -10.34
CA LEU B 112 8.79 -4.98 -9.56
C LEU B 112 7.51 -5.80 -9.64
N GLN B 113 6.37 -5.12 -9.62
CA GLN B 113 5.06 -5.77 -9.74
C GLN B 113 4.91 -6.41 -11.11
N GLN B 114 5.29 -5.66 -12.14
CA GLN B 114 5.23 -6.05 -13.55
C GLN B 114 6.16 -7.27 -13.77
N VAL B 115 7.38 -7.23 -13.22
CA VAL B 115 8.32 -8.35 -13.28
C VAL B 115 7.72 -9.59 -12.59
N TYR B 116 7.12 -9.43 -11.41
CA TYR B 116 6.45 -10.54 -10.72
C TYR B 116 5.29 -11.11 -11.58
N ASN B 117 4.42 -10.23 -12.15
CA ASN B 117 3.26 -10.68 -12.92
C ASN B 117 3.62 -11.45 -14.18
N HIS B 118 4.73 -11.09 -14.84
CA HIS B 118 5.22 -11.81 -16.01
C HIS B 118 6.01 -13.07 -15.64
N SER B 119 6.51 -13.18 -14.40
CA SER B 119 7.34 -14.32 -13.96
C SER B 119 6.63 -15.42 -13.17
N VAL B 120 5.85 -15.04 -12.15
CA VAL B 120 5.20 -15.99 -11.26
C VAL B 120 3.76 -16.23 -11.74
N THR B 121 3.65 -17.09 -12.74
CA THR B 121 2.42 -17.45 -13.43
C THR B 121 1.56 -18.41 -12.61
N ASP B 122 2.19 -19.24 -11.76
CA ASP B 122 1.48 -20.18 -10.90
C ASP B 122 1.92 -19.95 -9.44
N PRO B 123 1.32 -18.93 -8.75
CA PRO B 123 1.73 -18.63 -7.35
C PRO B 123 1.46 -19.72 -6.31
N GLU B 124 0.48 -20.61 -6.59
CA GLU B 124 0.10 -21.76 -5.74
C GLU B 124 1.32 -22.65 -5.48
N LYS B 125 2.18 -22.82 -6.51
CA LYS B 125 3.40 -23.64 -6.49
C LYS B 125 4.41 -23.24 -5.41
N LEU B 126 4.40 -21.96 -4.98
CA LEU B 126 5.31 -21.43 -3.95
C LEU B 126 5.11 -22.05 -2.58
N ASN B 127 3.86 -22.51 -2.27
CA ASN B 127 3.48 -23.15 -0.99
C ASN B 127 3.86 -22.25 0.22
N ASN B 128 3.61 -20.93 0.04
CA ASN B 128 3.91 -19.88 1.02
C ASN B 128 2.61 -19.18 1.45
N TYR B 129 2.23 -19.40 2.71
CA TYR B 129 1.01 -18.86 3.34
C TYR B 129 1.32 -17.84 4.44
N GLU B 130 2.59 -17.38 4.49
CA GLU B 130 3.11 -16.42 5.47
C GLU B 130 2.99 -14.97 4.97
N PRO B 131 3.03 -13.94 5.86
CA PRO B 131 2.94 -12.55 5.37
C PRO B 131 4.16 -12.10 4.53
N PHE B 132 5.24 -12.89 4.52
CA PHE B 132 6.47 -12.60 3.78
C PHE B 132 6.49 -13.27 2.41
N SER B 133 5.32 -13.73 1.96
CA SER B 133 5.16 -14.38 0.67
C SER B 133 5.41 -13.43 -0.53
N PRO B 134 6.09 -13.91 -1.59
CA PRO B 134 6.32 -13.09 -2.79
C PRO B 134 5.04 -12.47 -3.36
N GLU B 135 3.92 -13.21 -3.21
CA GLU B 135 2.58 -12.87 -3.70
C GLU B 135 2.04 -11.57 -3.11
N VAL B 136 2.51 -11.16 -1.91
CA VAL B 136 2.06 -9.93 -1.24
C VAL B 136 3.22 -8.90 -1.00
N TYR B 137 4.37 -9.06 -1.70
CA TYR B 137 5.56 -8.21 -1.55
C TYR B 137 5.28 -6.71 -1.66
N GLY B 138 4.39 -6.33 -2.56
CA GLY B 138 4.02 -4.93 -2.78
C GLY B 138 3.25 -4.32 -1.63
N GLU B 139 2.62 -5.13 -0.76
CA GLU B 139 1.78 -4.63 0.35
C GLU B 139 2.53 -3.81 1.46
N THR B 140 3.60 -4.38 2.06
CA THR B 140 4.37 -3.75 3.15
C THR B 140 5.89 -3.91 2.91
N SER B 141 6.30 -5.08 2.44
CA SER B 141 7.73 -5.38 2.26
C SER B 141 8.46 -4.38 1.39
N PHE B 142 7.85 -3.99 0.25
CA PHE B 142 8.45 -3.02 -0.65
C PHE B 142 8.73 -1.71 0.12
N ASP B 143 7.71 -1.18 0.84
CA ASP B 143 7.88 0.06 1.61
C ASP B 143 8.90 -0.07 2.72
N LEU B 144 8.94 -1.22 3.41
CA LEU B 144 9.90 -1.42 4.49
C LEU B 144 11.31 -1.58 3.94
N VAL B 145 11.49 -2.21 2.76
CA VAL B 145 12.78 -2.30 2.10
C VAL B 145 13.26 -0.90 1.67
N ALA B 146 12.35 -0.06 1.14
CA ALA B 146 12.67 1.32 0.72
C ALA B 146 13.15 2.14 1.93
N GLN B 147 12.47 1.98 3.09
CA GLN B 147 12.83 2.63 4.36
C GLN B 147 14.23 2.15 4.83
N MET B 148 14.49 0.81 4.73
CA MET B 148 15.75 0.12 5.05
C MET B 148 16.88 0.74 4.17
N ILE B 149 16.65 0.85 2.83
CA ILE B 149 17.61 1.47 1.89
C ILE B 149 18.01 2.90 2.33
N ASP B 150 17.00 3.75 2.69
CA ASP B 150 17.25 5.12 3.15
C ASP B 150 17.99 5.19 4.48
N GLU B 151 17.76 4.24 5.40
CA GLU B 151 18.38 4.21 6.73
C GLU B 151 19.79 3.61 6.78
N ILE B 152 19.96 2.47 6.13
CA ILE B 152 21.22 1.72 6.07
C ILE B 152 21.98 2.22 4.86
N LYS B 153 22.94 3.11 5.11
CA LYS B 153 23.69 3.74 4.02
C LYS B 153 24.67 2.75 3.44
N MET B 154 24.55 2.49 2.12
CA MET B 154 25.44 1.59 1.40
C MET B 154 26.19 2.33 0.31
N THR B 155 27.48 2.00 0.16
CA THR B 155 28.37 2.60 -0.84
C THR B 155 28.92 1.52 -1.76
N ASP B 156 29.77 1.91 -2.73
CA ASP B 156 30.39 1.00 -3.69
C ASP B 156 31.42 0.03 -3.03
N ASP B 157 31.75 0.25 -1.75
CA ASP B 157 32.61 -0.65 -0.98
C ASP B 157 31.78 -1.79 -0.35
N ASP B 158 30.45 -1.70 -0.39
CA ASP B 158 29.61 -2.72 0.22
C ASP B 158 29.29 -3.89 -0.69
N LEU B 159 29.06 -5.06 -0.07
CA LEU B 159 28.60 -6.28 -0.71
C LEU B 159 27.33 -6.65 0.05
N PHE B 160 26.20 -6.75 -0.66
CA PHE B 160 24.91 -7.05 -0.08
C PHE B 160 24.52 -8.49 -0.39
N VAL B 161 24.04 -9.20 0.63
CA VAL B 161 23.59 -10.59 0.48
C VAL B 161 22.24 -10.79 1.18
N ASP B 162 21.25 -11.31 0.43
CA ASP B 162 19.96 -11.69 0.98
C ASP B 162 20.03 -13.22 1.16
N LEU B 163 20.03 -13.67 2.44
CA LEU B 163 20.07 -15.10 2.81
C LEU B 163 18.65 -15.65 2.81
N GLY B 164 18.33 -16.49 1.81
CA GLY B 164 16.99 -17.04 1.61
C GLY B 164 16.15 -16.04 0.85
N SER B 165 16.59 -15.70 -0.37
CA SER B 165 16.05 -14.61 -1.21
C SER B 165 14.71 -14.87 -1.94
N GLY B 166 14.10 -16.05 -1.76
CA GLY B 166 12.83 -16.38 -2.41
C GLY B 166 12.92 -16.29 -3.92
N VAL B 167 12.08 -15.43 -4.52
CA VAL B 167 12.07 -15.20 -5.97
C VAL B 167 12.97 -14.00 -6.34
N GLY B 168 13.69 -13.46 -5.36
CA GLY B 168 14.68 -12.39 -5.51
C GLY B 168 14.21 -10.95 -5.45
N GLN B 169 12.98 -10.69 -4.97
CA GLN B 169 12.39 -9.34 -4.94
C GLN B 169 13.23 -8.28 -4.18
N VAL B 170 13.80 -8.64 -3.01
CA VAL B 170 14.59 -7.74 -2.16
C VAL B 170 15.89 -7.37 -2.91
N VAL B 171 16.55 -8.38 -3.50
CA VAL B 171 17.78 -8.19 -4.27
C VAL B 171 17.54 -7.22 -5.45
N LEU B 172 16.46 -7.43 -6.21
CA LEU B 172 16.09 -6.56 -7.35
C LEU B 172 15.83 -5.14 -6.87
N GLN B 173 15.11 -4.97 -5.74
CA GLN B 173 14.83 -3.64 -5.21
C GLN B 173 16.09 -2.93 -4.78
N VAL B 174 16.95 -3.62 -4.01
CA VAL B 174 18.18 -3.06 -3.48
C VAL B 174 19.17 -2.76 -4.62
N ALA B 175 19.31 -3.67 -5.59
CA ALA B 175 20.20 -3.44 -6.76
C ALA B 175 19.73 -2.24 -7.61
N ALA B 176 18.39 -2.00 -7.69
CA ALA B 176 17.89 -0.85 -8.44
C ALA B 176 18.16 0.46 -7.71
N ALA B 177 18.25 0.43 -6.38
CA ALA B 177 18.41 1.64 -5.57
C ALA B 177 19.82 1.99 -5.14
N THR B 178 20.72 1.00 -4.97
CA THR B 178 22.03 1.31 -4.40
C THR B 178 23.20 1.11 -5.35
N ASN B 179 24.38 1.60 -4.93
CA ASN B 179 25.61 1.41 -5.70
C ASN B 179 26.56 0.39 -5.02
N CYS B 180 26.02 -0.64 -4.27
CA CYS B 180 26.87 -1.71 -3.70
C CYS B 180 27.62 -2.32 -4.86
N LYS B 181 28.84 -2.77 -4.60
CA LYS B 181 29.70 -3.44 -5.57
C LYS B 181 28.91 -4.60 -6.24
N HIS B 182 28.19 -5.39 -5.43
CA HIS B 182 27.39 -6.52 -5.91
C HIS B 182 26.33 -6.86 -4.90
N HIS B 183 25.22 -7.41 -5.40
CA HIS B 183 24.07 -7.83 -4.62
C HIS B 183 23.84 -9.30 -4.91
N TYR B 184 23.71 -10.12 -3.88
CA TYR B 184 23.49 -11.53 -4.05
C TYR B 184 22.23 -11.95 -3.37
N GLY B 185 21.60 -12.96 -3.95
CA GLY B 185 20.45 -13.63 -3.37
C GLY B 185 20.75 -15.11 -3.41
N VAL B 186 20.59 -15.80 -2.27
CA VAL B 186 20.77 -17.25 -2.22
C VAL B 186 19.48 -17.89 -1.72
N GLU B 187 18.96 -18.85 -2.49
CA GLU B 187 17.70 -19.52 -2.15
C GLU B 187 17.86 -21.02 -2.34
N LYS B 188 17.39 -21.81 -1.36
CA LYS B 188 17.52 -23.28 -1.36
C LYS B 188 16.38 -23.97 -2.05
N ALA B 189 15.12 -23.58 -1.73
CA ALA B 189 13.94 -24.24 -2.27
C ALA B 189 13.86 -24.17 -3.81
N ASP B 190 13.54 -25.31 -4.45
CA ASP B 190 13.46 -25.52 -5.90
C ASP B 190 12.53 -24.57 -6.64
N ILE B 191 11.23 -24.50 -6.25
CA ILE B 191 10.22 -23.66 -6.91
C ILE B 191 10.64 -22.19 -6.88
N PRO B 192 10.90 -21.51 -5.72
CA PRO B 192 11.31 -20.09 -5.76
C PRO B 192 12.62 -19.80 -6.50
N ALA B 193 13.62 -20.69 -6.42
CA ALA B 193 14.88 -20.51 -7.14
C ALA B 193 14.68 -20.60 -8.66
N LYS B 194 13.69 -21.40 -9.11
CA LYS B 194 13.34 -21.52 -10.52
C LYS B 194 12.63 -20.26 -11.01
N TYR B 195 11.68 -19.74 -10.20
CA TYR B 195 10.99 -18.50 -10.51
C TYR B 195 11.98 -17.31 -10.48
N ALA B 196 12.99 -17.33 -9.58
CA ALA B 196 14.02 -16.30 -9.49
C ALA B 196 14.77 -16.14 -10.80
N GLU B 197 14.97 -17.25 -11.57
CA GLU B 197 15.65 -17.22 -12.89
C GLU B 197 14.86 -16.39 -13.89
N THR B 198 13.53 -16.55 -13.86
CA THR B 198 12.64 -15.77 -14.72
C THR B 198 12.59 -14.31 -14.22
N MET B 199 12.47 -14.08 -12.87
CA MET B 199 12.45 -12.73 -12.29
C MET B 199 13.69 -11.95 -12.75
N ASP B 200 14.84 -12.58 -12.71
CA ASP B 200 16.13 -12.03 -13.12
C ASP B 200 16.10 -11.54 -14.62
N ARG B 201 15.70 -12.43 -15.55
CA ARG B 201 15.59 -12.12 -16.98
C ARG B 201 14.53 -11.02 -17.22
N GLU B 202 13.32 -11.17 -16.62
CA GLU B 202 12.23 -10.18 -16.75
C GLU B 202 12.64 -8.82 -16.23
N PHE B 203 13.38 -8.76 -15.10
CA PHE B 203 13.86 -7.52 -14.51
C PHE B 203 14.83 -6.81 -15.43
N ARG B 204 15.86 -7.51 -15.92
CA ARG B 204 16.85 -6.90 -16.82
C ARG B 204 16.20 -6.38 -18.10
N LYS B 205 15.24 -7.13 -18.65
CA LYS B 205 14.49 -6.77 -19.86
C LYS B 205 13.65 -5.49 -19.64
N TRP B 206 12.82 -5.47 -18.58
CA TRP B 206 11.98 -4.32 -18.27
C TRP B 206 12.78 -3.10 -17.91
N MET B 207 13.87 -3.26 -17.13
CA MET B 207 14.74 -2.11 -16.81
C MET B 207 15.36 -1.49 -18.08
N LYS B 208 15.73 -2.33 -19.09
CA LYS B 208 16.24 -1.84 -20.37
C LYS B 208 15.08 -1.16 -21.14
N TRP B 209 13.86 -1.73 -21.08
CA TRP B 209 12.69 -1.15 -21.76
C TRP B 209 12.43 0.29 -21.29
N TYR B 210 12.51 0.53 -19.97
CA TYR B 210 12.32 1.87 -19.38
C TYR B 210 13.54 2.73 -19.50
N GLY B 211 14.70 2.14 -19.76
CA GLY B 211 15.97 2.84 -19.86
C GLY B 211 16.55 3.17 -18.49
N LYS B 212 16.36 2.26 -17.52
CA LYS B 212 16.79 2.45 -16.15
C LYS B 212 18.01 1.65 -15.77
N LYS B 213 18.84 2.25 -14.92
CA LYS B 213 20.07 1.69 -14.40
C LYS B 213 19.83 0.86 -13.10
N HIS B 214 20.65 -0.17 -12.90
CA HIS B 214 20.66 -0.97 -11.68
C HIS B 214 22.09 -1.42 -11.45
N ALA B 215 22.44 -1.73 -10.20
CA ALA B 215 23.75 -2.27 -9.83
C ALA B 215 23.80 -3.74 -10.26
N GLU B 216 24.99 -4.34 -10.20
CA GLU B 216 25.18 -5.75 -10.53
C GLU B 216 24.57 -6.62 -9.45
N TYR B 217 23.98 -7.74 -9.85
CA TYR B 217 23.37 -8.64 -8.89
C TYR B 217 23.39 -10.04 -9.45
N THR B 218 23.30 -11.04 -8.55
CA THR B 218 23.25 -12.44 -8.92
C THR B 218 22.25 -13.13 -8.02
N LEU B 219 21.35 -13.89 -8.61
CA LEU B 219 20.40 -14.71 -7.88
C LEU B 219 20.86 -16.14 -8.08
N GLU B 220 21.19 -16.82 -6.99
CA GLU B 220 21.66 -18.20 -7.13
C GLU B 220 20.92 -19.17 -6.24
N ARG B 221 20.89 -20.43 -6.68
CA ARG B 221 20.31 -21.53 -5.93
C ARG B 221 21.43 -22.05 -5.01
N GLY B 222 21.12 -22.24 -3.74
CA GLY B 222 22.11 -22.77 -2.81
C GLY B 222 21.65 -22.83 -1.37
N ASP B 223 22.47 -23.44 -0.53
CA ASP B 223 22.22 -23.58 0.91
C ASP B 223 23.17 -22.60 1.60
N PHE B 224 22.62 -21.57 2.28
CA PHE B 224 23.46 -20.57 2.94
C PHE B 224 24.23 -21.10 4.17
N LEU B 225 23.97 -22.37 4.56
CA LEU B 225 24.66 -23.01 5.68
C LEU B 225 25.85 -23.87 5.22
N SER B 226 26.09 -23.97 3.90
CA SER B 226 27.20 -24.76 3.33
C SER B 226 28.56 -24.12 3.65
N GLU B 227 29.66 -24.86 3.41
CA GLU B 227 31.04 -24.40 3.65
C GLU B 227 31.43 -23.22 2.76
N GLU B 228 31.01 -23.25 1.49
CA GLU B 228 31.25 -22.19 0.51
C GLU B 228 30.68 -20.87 1.04
N TRP B 229 29.42 -20.92 1.54
CA TRP B 229 28.70 -19.76 2.07
C TRP B 229 29.25 -19.23 3.39
N ARG B 230 30.00 -20.06 4.16
CA ARG B 230 30.63 -19.65 5.41
C ARG B 230 31.64 -18.53 5.15
N GLU B 231 32.51 -18.71 4.16
CA GLU B 231 33.53 -17.73 3.76
C GLU B 231 32.87 -16.53 3.10
N ARG B 232 31.82 -16.78 2.30
CA ARG B 232 31.08 -15.72 1.61
C ARG B 232 30.37 -14.78 2.60
N ILE B 233 29.71 -15.32 3.66
CA ILE B 233 29.07 -14.51 4.72
C ILE B 233 30.16 -13.68 5.46
N ALA B 234 31.31 -14.30 5.77
CA ALA B 234 32.45 -13.65 6.44
C ALA B 234 32.93 -12.43 5.65
N ASN B 235 32.84 -12.48 4.30
CA ASN B 235 33.28 -11.39 3.43
C ASN B 235 32.16 -10.44 2.99
N THR B 236 30.96 -10.59 3.55
CA THR B 236 29.80 -9.75 3.25
C THR B 236 29.73 -8.56 4.19
N SER B 237 29.47 -7.36 3.69
CA SER B 237 29.36 -6.21 4.59
C SER B 237 27.90 -5.95 5.06
N VAL B 238 26.89 -6.34 4.26
CA VAL B 238 25.47 -6.17 4.61
C VAL B 238 24.70 -7.46 4.31
N ILE B 239 24.18 -8.09 5.37
CA ILE B 239 23.36 -9.29 5.27
C ILE B 239 21.91 -8.85 5.50
N PHE B 240 20.99 -9.35 4.67
CA PHE B 240 19.55 -9.15 4.81
C PHE B 240 19.02 -10.56 5.04
N VAL B 241 18.24 -10.76 6.09
CA VAL B 241 17.71 -12.09 6.33
C VAL B 241 16.34 -12.04 6.96
N ASN B 242 15.38 -12.75 6.36
CA ASN B 242 14.06 -12.90 6.94
C ASN B 242 14.12 -14.19 7.78
N ASN B 243 14.54 -14.06 9.05
CA ASN B 243 14.72 -15.18 9.97
C ASN B 243 13.50 -15.45 10.88
N PHE B 244 12.37 -14.77 10.61
CA PHE B 244 11.14 -14.87 11.40
C PHE B 244 10.69 -16.31 11.73
N ALA B 245 10.69 -17.20 10.74
CA ALA B 245 10.26 -18.59 10.92
C ALA B 245 11.42 -19.60 11.12
N PHE B 246 12.68 -19.14 11.22
CA PHE B 246 13.81 -20.04 11.40
C PHE B 246 13.81 -20.75 12.75
N GLY B 247 14.08 -22.04 12.73
CA GLY B 247 14.18 -22.87 13.94
C GLY B 247 15.45 -22.56 14.74
N PRO B 248 15.63 -23.18 15.94
CA PRO B 248 16.81 -22.86 16.76
C PRO B 248 18.15 -23.32 16.16
N GLU B 249 18.12 -24.41 15.38
CA GLU B 249 19.34 -24.92 14.78
C GLU B 249 19.89 -23.93 13.75
N VAL B 250 19.04 -23.52 12.79
CA VAL B 250 19.38 -22.56 11.74
C VAL B 250 19.84 -21.24 12.36
N ASP B 251 19.09 -20.73 13.35
CA ASP B 251 19.42 -19.50 14.07
C ASP B 251 20.84 -19.59 14.68
N HIS B 252 21.14 -20.72 15.35
CA HIS B 252 22.43 -20.99 15.97
C HIS B 252 23.54 -21.04 14.92
N GLN B 253 23.31 -21.77 13.82
CA GLN B 253 24.26 -21.86 12.71
C GLN B 253 24.53 -20.50 12.08
N LEU B 254 23.49 -19.66 11.93
CA LEU B 254 23.63 -18.31 11.38
C LEU B 254 24.48 -17.41 12.27
N LYS B 255 24.26 -17.46 13.60
CA LYS B 255 25.07 -16.67 14.55
C LYS B 255 26.55 -17.04 14.44
N GLU B 256 26.84 -18.34 14.25
CA GLU B 256 28.20 -18.84 14.06
C GLU B 256 28.80 -18.24 12.76
N ARG B 257 28.00 -18.12 11.69
CA ARG B 257 28.44 -17.51 10.43
C ARG B 257 28.72 -16.02 10.62
N PHE B 258 27.81 -15.31 11.32
CA PHE B 258 27.93 -13.85 11.58
C PHE B 258 29.13 -13.53 12.45
N ALA B 259 29.51 -14.47 13.35
CA ALA B 259 30.67 -14.32 14.24
C ALA B 259 32.00 -14.20 13.47
N ASN B 260 32.01 -14.54 12.16
CA ASN B 260 33.22 -14.42 11.33
C ASN B 260 33.22 -13.13 10.50
N MET B 261 32.17 -12.31 10.61
CA MET B 261 32.11 -11.06 9.85
C MET B 261 33.10 -10.00 10.35
N LYS B 262 33.47 -9.07 9.48
CA LYS B 262 34.40 -7.98 9.77
C LYS B 262 33.73 -6.94 10.67
N GLU B 263 34.56 -6.17 11.42
CA GLU B 263 34.11 -5.09 12.30
C GLU B 263 33.32 -4.11 11.41
N GLY B 264 32.17 -3.68 11.90
CA GLY B 264 31.29 -2.77 11.16
C GLY B 264 30.37 -3.47 10.18
N GLY B 265 30.46 -4.79 10.06
CA GLY B 265 29.56 -5.58 9.21
C GLY B 265 28.15 -5.46 9.77
N ARG B 266 27.14 -5.52 8.91
CA ARG B 266 25.77 -5.30 9.35
C ARG B 266 24.81 -6.38 8.93
N ILE B 267 23.84 -6.65 9.81
CA ILE B 267 22.79 -7.64 9.56
C ILE B 267 21.43 -6.97 9.81
N VAL B 268 20.58 -6.99 8.81
CA VAL B 268 19.23 -6.48 8.92
C VAL B 268 18.29 -7.69 8.89
N SER B 269 17.44 -7.81 9.90
CA SER B 269 16.58 -9.00 10.00
C SER B 269 15.18 -8.69 10.52
N SER B 270 14.24 -9.67 10.40
CA SER B 270 12.84 -9.53 10.86
C SER B 270 12.71 -9.92 12.37
N LYS B 271 13.68 -10.66 12.91
CA LYS B 271 13.75 -11.02 14.33
C LYS B 271 15.19 -10.77 14.83
N PRO B 272 15.38 -10.17 16.03
CA PRO B 272 16.77 -9.92 16.49
C PRO B 272 17.53 -11.19 16.78
N PHE B 273 18.83 -11.17 16.50
CA PHE B 273 19.72 -12.29 16.76
C PHE B 273 20.31 -12.20 18.18
N ALA B 274 20.16 -11.05 18.83
CA ALA B 274 20.64 -10.89 20.21
C ALA B 274 19.66 -9.98 20.94
N PRO B 275 19.53 -10.07 22.29
CA PRO B 275 18.58 -9.18 22.97
C PRO B 275 18.95 -7.71 22.76
N LEU B 276 17.92 -6.87 22.70
CA LEU B 276 18.06 -5.43 22.52
C LEU B 276 18.71 -4.79 23.73
N ASN B 277 18.54 -5.39 24.92
CA ASN B 277 19.08 -4.91 26.20
C ASN B 277 20.23 -5.79 26.70
N PHE B 278 20.95 -6.48 25.80
CA PHE B 278 22.04 -7.38 26.19
C PHE B 278 23.02 -6.76 27.17
N ARG B 279 23.24 -7.48 28.29
CA ARG B 279 24.16 -7.08 29.34
C ARG B 279 25.18 -8.19 29.55
N ILE B 280 26.43 -7.94 29.10
CA ILE B 280 27.54 -8.89 29.17
C ILE B 280 27.90 -9.22 30.63
N ASN B 281 27.91 -10.53 30.95
CA ASN B 281 28.27 -11.06 32.27
C ASN B 281 29.07 -12.35 32.07
N SER B 282 29.53 -12.96 33.17
CA SER B 282 30.31 -14.21 33.16
C SER B 282 29.57 -15.43 32.61
N ARG B 283 28.22 -15.41 32.61
CA ARG B 283 27.39 -16.53 32.16
C ARG B 283 26.91 -16.45 30.70
N ASN B 284 27.07 -15.30 30.04
CA ASN B 284 26.61 -15.14 28.66
C ASN B 284 27.72 -14.74 27.68
N LEU B 285 29.00 -15.02 28.02
CA LEU B 285 30.17 -14.71 27.18
C LEU B 285 30.19 -15.40 25.84
N SER B 286 29.43 -16.50 25.70
CA SER B 286 29.32 -17.29 24.48
C SER B 286 28.37 -16.66 23.47
N ASP B 287 27.43 -15.85 23.96
CA ASP B 287 26.38 -15.24 23.17
C ASP B 287 26.90 -14.23 22.14
N ILE B 288 26.21 -14.16 20.99
CA ILE B 288 26.49 -13.24 19.89
C ILE B 288 26.39 -11.76 20.33
N GLY B 289 25.59 -11.48 21.36
CA GLY B 289 25.40 -10.16 21.95
C GLY B 289 26.67 -9.49 22.44
N THR B 290 27.71 -10.28 22.69
CA THR B 290 29.00 -9.77 23.13
C THR B 290 29.77 -9.08 21.99
N ILE B 291 29.46 -9.43 20.71
CA ILE B 291 30.20 -8.86 19.57
C ILE B 291 29.33 -8.06 18.61
N MET B 292 28.11 -7.65 19.01
CA MET B 292 27.26 -6.83 18.14
C MET B 292 26.34 -5.90 18.89
N ARG B 293 26.11 -4.71 18.31
CA ARG B 293 25.14 -3.73 18.80
C ARG B 293 23.87 -4.06 18.00
N VAL B 294 22.70 -4.05 18.64
CA VAL B 294 21.40 -4.36 18.03
C VAL B 294 20.46 -3.20 18.28
N VAL B 295 19.77 -2.71 17.25
CA VAL B 295 18.77 -1.64 17.39
C VAL B 295 17.51 -2.00 16.59
N GLU B 296 16.35 -1.63 17.14
CA GLU B 296 15.08 -1.85 16.49
C GLU B 296 14.78 -0.61 15.66
N LEU B 297 14.52 -0.80 14.36
CA LEU B 297 14.20 0.31 13.46
C LEU B 297 12.75 0.22 13.07
N SER B 298 12.00 1.27 13.33
CA SER B 298 10.58 1.29 13.02
C SER B 298 10.23 2.55 12.28
N PRO B 299 9.58 2.44 11.09
CA PRO B 299 9.15 3.65 10.38
C PRO B 299 8.15 4.49 11.20
N LEU B 300 7.48 3.88 12.19
CA LEU B 300 6.58 4.62 13.07
C LEU B 300 7.34 5.60 13.97
N LYS B 301 8.64 5.35 14.25
CA LYS B 301 9.50 6.24 15.03
C LYS B 301 10.27 7.19 14.10
N GLY B 302 10.37 8.46 14.51
CA GLY B 302 11.06 9.50 13.76
C GLY B 302 10.15 10.47 13.04
N SER B 303 10.73 11.21 12.07
CA SER B 303 10.05 12.22 11.24
C SER B 303 9.35 11.58 10.02
N VAL B 304 9.48 10.23 9.89
CA VAL B 304 8.91 9.41 8.81
C VAL B 304 7.38 9.52 8.79
N SER B 305 6.81 9.87 7.62
CA SER B 305 5.36 9.99 7.40
C SER B 305 4.73 8.62 7.05
N TRP B 306 4.93 7.62 7.93
CA TRP B 306 4.45 6.24 7.78
C TRP B 306 3.02 6.06 8.27
N THR B 307 2.18 5.48 7.41
CA THR B 307 0.78 5.20 7.73
C THR B 307 0.46 3.72 7.40
N GLY B 308 1.49 2.90 7.17
CA GLY B 308 1.32 1.49 6.87
C GLY B 308 1.23 0.66 8.14
N LYS B 309 1.52 -0.65 8.04
CA LYS B 309 1.47 -1.58 9.18
C LYS B 309 2.47 -1.24 10.27
N PRO B 310 2.14 -1.52 11.55
CA PRO B 310 3.06 -1.18 12.63
C PRO B 310 4.17 -2.25 12.72
N VAL B 311 5.11 -2.16 11.79
CA VAL B 311 6.18 -3.13 11.61
C VAL B 311 7.54 -2.53 12.01
N SER B 312 8.49 -3.43 12.26
CA SER B 312 9.86 -3.13 12.66
C SER B 312 10.80 -4.10 12.00
N TYR B 313 12.06 -3.72 11.93
CA TYR B 313 13.14 -4.59 11.55
C TYR B 313 14.32 -4.29 12.50
N TYR B 314 15.32 -5.16 12.48
CA TYR B 314 16.43 -5.07 13.41
C TYR B 314 17.74 -4.92 12.71
N LEU B 315 18.54 -3.95 13.17
CA LEU B 315 19.87 -3.70 12.64
C LEU B 315 20.92 -4.14 13.66
N HIS B 316 21.81 -5.07 13.24
CA HIS B 316 22.92 -5.59 14.03
C HIS B 316 24.21 -5.10 13.41
N THR B 317 25.12 -4.57 14.24
CA THR B 317 26.41 -4.09 13.75
C THR B 317 27.50 -4.78 14.55
N ILE B 318 28.45 -5.46 13.85
CA ILE B 318 29.58 -6.15 14.50
C ILE B 318 30.44 -5.11 15.20
N ASP B 319 30.60 -5.28 16.51
CA ASP B 319 31.35 -4.40 17.40
C ASP B 319 32.01 -5.24 18.50
N ARG B 320 33.31 -5.52 18.34
CA ARG B 320 34.08 -6.36 19.27
C ARG B 320 34.56 -5.61 20.52
N THR B 321 34.33 -4.29 20.56
CA THR B 321 34.71 -3.46 21.72
C THR B 321 33.88 -3.81 22.95
N ILE B 322 32.70 -4.44 22.76
CA ILE B 322 31.84 -4.89 23.88
C ILE B 322 32.57 -6.02 24.65
N LEU B 323 33.18 -6.96 23.91
CA LEU B 323 33.94 -8.08 24.48
C LEU B 323 35.27 -7.60 25.04
N GLU B 324 35.99 -6.71 24.30
CA GLU B 324 37.28 -6.12 24.66
C GLU B 324 37.22 -5.37 25.98
N ASN B 325 36.18 -4.51 26.17
CA ASN B 325 36.03 -3.70 27.38
C ASN B 325 35.73 -4.55 28.62
N TYR B 326 34.91 -5.62 28.48
CA TYR B 326 34.56 -6.56 29.55
C TYR B 326 35.82 -7.28 30.06
N PHE B 327 36.73 -7.66 29.14
CA PHE B 327 37.98 -8.33 29.49
C PHE B 327 38.92 -7.38 30.23
N SER B 328 38.93 -6.07 29.86
CA SER B 328 39.73 -5.05 30.54
C SER B 328 39.19 -4.83 31.95
N SER B 329 37.85 -4.91 32.12
CA SER B 329 37.15 -4.80 33.41
C SER B 329 37.49 -6.01 34.31
N LEU B 330 37.71 -7.19 33.70
CA LEU B 330 38.05 -8.44 34.38
C LEU B 330 39.53 -8.51 34.75
N LYS B 331 40.41 -7.93 33.91
CA LYS B 331 41.86 -7.88 34.12
C LYS B 331 42.26 -6.87 35.20
N ASN B 332 41.60 -5.68 35.21
CA ASN B 332 41.85 -4.61 36.19
C ASN B 332 40.84 -4.62 37.34
#